data_3R9T
#
_entry.id   3R9T
#
_cell.length_a   68.092
_cell.length_b   78.274
_cell.length_c   75.552
_cell.angle_alpha   90.000
_cell.angle_beta   115.130
_cell.angle_gamma   90.000
#
_symmetry.space_group_name_H-M   'P 1 21 1'
#
loop_
_entity.id
_entity.type
_entity.pdbx_description
1 polymer EchA1_1
2 non-polymer 'BENZOIC ACID'
3 water water
#
_entity_poly.entity_id   1
_entity_poly.type   'polypeptide(L)'
_entity_poly.pdbx_seq_one_letter_code
;GPGSMTDAPGALAERRGNVMVITINRPEARNAINAAVSIGVGDALEEAQHDPEVRAVVLTGAGDKSFCAGADLKAIARRE
NLYHPDHPEWGFAGYVRHFIDKPTIAAVNGTALGGGTELALASDLVVADERAQFGLPEVKRGLIAAAGGVFRIAEQLPRK
VAMRLLLTGEPLSAAAARDWGLINEVVEAGSVLDAALALASAITVNAPLSVQASKRIAYGVDDGVVVGDEPGWDRTMREM
RALLKSEDAKEGPRAFAEKREPVWQAR
;
_entity_poly.pdbx_strand_id   A,B,C
#
# COMPACT_ATOMS: atom_id res chain seq x y z
N ALA A 8 25.47 -33.41 1.42
CA ALA A 8 24.04 -33.37 1.83
C ALA A 8 23.30 -32.35 0.98
N PRO A 9 22.06 -32.64 0.56
CA PRO A 9 21.35 -31.69 -0.32
C PRO A 9 21.19 -30.32 0.34
N GLY A 10 21.01 -29.28 -0.45
CA GLY A 10 20.90 -27.93 0.10
C GLY A 10 19.54 -27.65 0.75
N ALA A 11 18.54 -28.44 0.37
CA ALA A 11 17.24 -28.41 1.04
C ALA A 11 16.64 -29.81 1.15
N LEU A 12 15.90 -30.02 2.22
CA LEU A 12 15.11 -31.24 2.44
C LEU A 12 13.65 -30.94 2.25
N ALA A 13 12.91 -31.96 1.84
CA ALA A 13 11.46 -31.86 1.70
C ALA A 13 10.82 -33.08 2.35
N GLU A 14 9.81 -32.86 3.19
CA GLU A 14 9.04 -33.93 3.83
C GLU A 14 7.57 -33.60 3.73
N ARG A 15 6.70 -34.58 3.96
CA ARG A 15 5.27 -34.30 4.04
C ARG A 15 4.79 -34.34 5.48
N ARG A 16 3.92 -33.39 5.82
CA ARG A 16 3.22 -33.40 7.09
C ARG A 16 1.74 -33.30 6.73
N GLY A 17 1.13 -34.47 6.55
CA GLY A 17 -0.21 -34.53 5.96
C GLY A 17 -0.19 -34.07 4.51
N ASN A 18 -1.03 -33.08 4.20
CA ASN A 18 -1.16 -32.52 2.86
C ASN A 18 -0.29 -31.27 2.69
N VAL A 19 0.69 -31.10 3.58
CA VAL A 19 1.61 -29.96 3.56
C VAL A 19 3.01 -30.46 3.22
N MET A 20 3.65 -29.85 2.23
CA MET A 20 5.07 -30.09 2.00
C MET A 20 5.89 -29.10 2.81
N VAL A 21 6.76 -29.64 3.65
CA VAL A 21 7.67 -28.80 4.43
C VAL A 21 9.02 -28.86 3.75
N ILE A 22 9.50 -27.69 3.33
CA ILE A 22 10.81 -27.56 2.72
C ILE A 22 11.74 -26.91 3.73
N THR A 23 12.89 -27.53 3.96
CA THR A 23 13.81 -27.08 5.00
C THR A 23 15.18 -26.77 4.39
N ILE A 24 15.58 -25.50 4.47
CA ILE A 24 16.91 -25.12 3.99
C ILE A 24 17.91 -25.85 4.90
N ASN A 25 18.90 -26.48 4.28
CA ASN A 25 19.76 -27.47 4.98
C ASN A 25 21.27 -27.16 4.94
N ARG A 26 21.60 -25.92 5.30
CA ARG A 26 22.99 -25.51 5.45
C ARG A 26 23.18 -24.78 6.78
N PRO A 27 22.78 -25.44 7.89
CA PRO A 27 22.81 -24.78 9.19
C PRO A 27 24.20 -24.27 9.57
N GLU A 28 25.24 -25.02 9.21
CA GLU A 28 26.62 -24.58 9.47
C GLU A 28 27.01 -23.32 8.67
N ALA A 29 26.29 -23.02 7.59
CA ALA A 29 26.50 -21.79 6.83
C ALA A 29 25.38 -20.77 7.07
N ARG A 30 24.69 -20.88 8.20
CA ARG A 30 23.58 -20.01 8.58
C ARG A 30 22.43 -20.05 7.55
N ASN A 31 22.28 -21.21 6.93
CA ASN A 31 21.31 -21.44 5.87
C ASN A 31 21.35 -20.42 4.74
N ALA A 32 22.55 -19.96 4.42
CA ALA A 32 22.77 -19.05 3.29
C ALA A 32 22.48 -19.77 1.98
N ILE A 33 22.02 -19.01 0.99
CA ILE A 33 21.57 -19.57 -0.28
C ILE A 33 22.70 -19.71 -1.27
N ASN A 34 22.88 -20.93 -1.76
CA ASN A 34 23.73 -21.17 -2.93
C ASN A 34 22.93 -21.98 -3.95
N ALA A 35 23.58 -22.40 -5.03
CA ALA A 35 22.90 -23.17 -6.08
C ALA A 35 22.31 -24.49 -5.56
N ALA A 36 23.02 -25.15 -4.64
CA ALA A 36 22.49 -26.37 -4.00
C ALA A 36 21.15 -26.15 -3.27
N VAL A 37 21.05 -25.05 -2.51
CA VAL A 37 19.76 -24.72 -1.90
C VAL A 37 18.67 -24.45 -2.97
N SER A 38 19.01 -23.68 -4.00
CA SER A 38 18.07 -23.35 -5.07
C SER A 38 17.53 -24.60 -5.76
N ILE A 39 18.42 -25.57 -5.97
CA ILE A 39 18.02 -26.82 -6.59
C ILE A 39 17.02 -27.54 -5.70
N GLY A 40 17.37 -27.68 -4.43
CA GLY A 40 16.51 -28.36 -3.45
C GLY A 40 15.15 -27.70 -3.27
N VAL A 41 15.15 -26.38 -3.07
CA VAL A 41 13.92 -25.62 -2.88
C VAL A 41 13.08 -25.56 -4.16
N GLY A 42 13.74 -25.25 -5.28
CA GLY A 42 13.04 -25.10 -6.56
C GLY A 42 12.39 -26.39 -7.01
N ASP A 43 13.14 -27.48 -6.95
CA ASP A 43 12.59 -28.80 -7.29
C ASP A 43 11.39 -29.17 -6.40
N ALA A 44 11.49 -28.89 -5.10
CA ALA A 44 10.39 -29.21 -4.17
C ALA A 44 9.12 -28.40 -4.47
N LEU A 45 9.28 -27.10 -4.69
CA LEU A 45 8.15 -26.25 -5.11
C LEU A 45 7.43 -26.75 -6.35
N GLU A 46 8.19 -27.13 -7.38
CA GLU A 46 7.60 -27.59 -8.61
CA GLU A 46 7.69 -27.69 -8.63
C GLU A 46 6.90 -28.97 -8.37
N GLU A 47 7.49 -29.84 -7.53
CA GLU A 47 6.84 -31.10 -7.11
C GLU A 47 5.50 -30.80 -6.43
N ALA A 48 5.52 -29.82 -5.53
CA ALA A 48 4.30 -29.37 -4.85
C ALA A 48 3.25 -28.83 -5.82
N GLN A 49 3.68 -28.07 -6.81
CA GLN A 49 2.73 -27.53 -7.78
C GLN A 49 1.97 -28.65 -8.47
N HIS A 50 2.67 -29.73 -8.82
CA HIS A 50 2.07 -30.77 -9.65
C HIS A 50 1.48 -31.98 -8.92
N ASP A 51 1.76 -32.13 -7.63
CA ASP A 51 1.21 -33.23 -6.84
C ASP A 51 -0.12 -32.76 -6.24
N PRO A 52 -1.26 -33.28 -6.76
CA PRO A 52 -2.54 -32.73 -6.29
C PRO A 52 -2.91 -33.07 -4.83
N GLU A 53 -2.18 -34.00 -4.20
CA GLU A 53 -2.33 -34.27 -2.77
C GLU A 53 -1.63 -33.23 -1.87
N VAL A 54 -0.77 -32.40 -2.46
CA VAL A 54 -0.12 -31.34 -1.69
C VAL A 54 -1.02 -30.12 -1.83
N ARG A 55 -1.45 -29.56 -0.71
CA ARG A 55 -2.35 -28.40 -0.73
C ARG A 55 -1.71 -27.10 -0.21
N ALA A 56 -0.54 -27.20 0.40
CA ALA A 56 0.20 -26.05 0.89
C ALA A 56 1.67 -26.39 1.07
N VAL A 57 2.48 -25.34 1.18
CA VAL A 57 3.91 -25.47 1.32
C VAL A 57 4.36 -24.56 2.45
N VAL A 58 5.24 -25.12 3.28
CA VAL A 58 5.92 -24.37 4.33
C VAL A 58 7.43 -24.39 4.07
N LEU A 59 8.04 -23.20 4.10
CA LEU A 59 9.49 -23.06 3.94
C LEU A 59 10.12 -22.64 5.27
N THR A 60 11.13 -23.38 5.72
CA THR A 60 11.77 -23.10 7.00
C THR A 60 13.25 -23.40 6.88
N GLY A 61 14.00 -23.05 7.91
CA GLY A 61 15.44 -23.34 7.95
C GLY A 61 15.75 -24.43 8.96
N ALA A 62 16.83 -25.17 8.70
CA ALA A 62 17.35 -26.15 9.67
C ALA A 62 17.91 -25.47 10.90
N GLY A 63 17.70 -26.07 12.06
CA GLY A 63 18.29 -25.56 13.27
C GLY A 63 17.50 -24.48 13.97
N ASP A 64 18.11 -23.95 15.02
CA ASP A 64 17.43 -23.08 15.94
C ASP A 64 17.99 -21.67 15.94
N LYS A 65 18.85 -21.35 14.98
CA LYS A 65 19.58 -20.08 14.96
C LYS A 65 19.17 -19.21 13.78
N SER A 66 19.06 -19.84 12.60
CA SER A 66 18.86 -19.10 11.34
C SER A 66 17.79 -19.71 10.43
N PHE A 67 16.95 -18.84 9.89
CA PHE A 67 16.04 -19.21 8.80
C PHE A 67 16.86 -19.16 7.51
N CYS A 68 17.47 -18.01 7.25
CA CYS A 68 18.38 -17.82 6.13
C CYS A 68 19.08 -16.49 6.33
N ALA A 69 20.41 -16.53 6.50
CA ALA A 69 21.18 -15.31 6.75
C ALA A 69 21.48 -14.52 5.50
N GLY A 70 21.12 -15.06 4.35
CA GLY A 70 21.23 -14.32 3.12
C GLY A 70 21.86 -15.13 2.01
N ALA A 71 22.27 -14.40 0.98
CA ALA A 71 23.01 -14.94 -0.16
C ALA A 71 24.38 -15.40 0.32
N ASP A 72 24.80 -16.60 -0.08
CA ASP A 72 26.10 -17.12 0.36
C ASP A 72 27.23 -16.21 -0.13
N LEU A 73 27.93 -15.59 0.80
CA LEU A 73 28.92 -14.57 0.46
C LEU A 73 30.20 -15.13 -0.19
N LYS A 74 30.61 -16.34 0.19
CA LYS A 74 31.74 -17.01 -0.48
C LYS A 74 31.42 -17.32 -1.95
N ALA A 75 30.19 -17.75 -2.21
CA ALA A 75 29.70 -18.01 -3.56
C ALA A 75 29.69 -16.73 -4.37
N ILE A 76 29.24 -15.63 -3.76
CA ILE A 76 29.24 -14.32 -4.41
C ILE A 76 30.67 -13.91 -4.75
N ALA A 77 31.59 -14.05 -3.78
CA ALA A 77 33.01 -13.73 -4.01
C ALA A 77 33.64 -14.50 -5.17
N ARG A 78 33.18 -15.73 -5.37
CA ARG A 78 33.62 -16.56 -6.51
C ARG A 78 32.87 -16.27 -7.81
N ARG A 79 31.86 -15.42 -7.76
CA ARG A 79 30.99 -15.15 -8.91
C ARG A 79 30.30 -16.44 -9.36
N GLU A 80 29.94 -17.28 -8.40
CA GLU A 80 29.10 -18.46 -8.65
C GLU A 80 27.69 -17.97 -8.91
N ASN A 81 26.95 -18.64 -9.79
CA ASN A 81 25.50 -18.44 -9.86
C ASN A 81 24.87 -19.05 -8.60
N LEU A 82 23.94 -18.33 -8.00
CA LEU A 82 23.27 -18.76 -6.75
C LEU A 82 21.94 -19.46 -7.05
N TYR A 83 21.45 -19.32 -8.27
CA TYR A 83 20.16 -19.85 -8.66
C TYR A 83 20.23 -21.33 -9.11
N HIS A 84 19.05 -21.88 -9.39
CA HIS A 84 18.90 -23.26 -9.85
C HIS A 84 19.50 -23.33 -11.25
N PRO A 85 20.59 -24.10 -11.44
CA PRO A 85 21.22 -24.10 -12.76
C PRO A 85 20.29 -24.39 -13.95
N ASP A 86 19.27 -25.20 -13.72
CA ASP A 86 18.34 -25.60 -14.78
C ASP A 86 17.14 -24.68 -14.92
N HIS A 87 16.99 -23.77 -13.96
CA HIS A 87 15.80 -22.93 -13.89
C HIS A 87 16.18 -21.53 -13.41
N PRO A 88 17.02 -20.83 -14.19
CA PRO A 88 17.36 -19.46 -13.80
C PRO A 88 16.13 -18.57 -13.66
N GLU A 89 15.08 -18.90 -14.40
CA GLU A 89 13.86 -18.10 -14.39
C GLU A 89 13.14 -18.09 -13.05
N TRP A 90 13.45 -19.06 -12.18
CA TRP A 90 12.88 -19.08 -10.84
C TRP A 90 13.57 -18.11 -9.88
N GLY A 91 14.73 -17.59 -10.30
CA GLY A 91 15.49 -16.64 -9.49
C GLY A 91 16.10 -17.21 -8.23
N PHE A 92 16.39 -16.31 -7.31
CA PHE A 92 17.08 -16.63 -6.07
C PHE A 92 16.38 -17.74 -5.27
N ALA A 93 17.18 -18.73 -4.87
CA ALA A 93 16.74 -19.87 -4.05
C ALA A 93 15.73 -20.75 -4.78
N GLY A 94 15.65 -20.57 -6.09
CA GLY A 94 14.63 -21.24 -6.88
C GLY A 94 13.23 -20.92 -6.40
N TYR A 95 13.08 -19.75 -5.79
CA TYR A 95 11.87 -19.43 -5.01
C TYR A 95 11.26 -18.05 -5.31
N VAL A 96 12.09 -17.02 -5.39
CA VAL A 96 11.55 -15.65 -5.40
C VAL A 96 10.84 -15.23 -6.67
N ARG A 97 11.06 -15.96 -7.76
CA ARG A 97 10.35 -15.73 -9.01
C ARG A 97 9.78 -17.06 -9.50
N HIS A 98 9.18 -17.80 -8.58
CA HIS A 98 8.69 -19.15 -8.86
C HIS A 98 7.26 -19.21 -8.33
N PHE A 99 6.34 -18.63 -9.08
CA PHE A 99 4.94 -18.61 -8.68
C PHE A 99 4.38 -20.03 -8.71
N ILE A 100 3.70 -20.41 -7.63
CA ILE A 100 2.85 -21.58 -7.66
C ILE A 100 1.46 -21.27 -7.12
N ASP A 101 0.52 -22.13 -7.53
CA ASP A 101 -0.91 -22.04 -7.23
C ASP A 101 -1.30 -22.20 -5.81
N LYS A 102 -0.40 -22.82 -5.08
CA LYS A 102 -0.78 -23.31 -3.82
C LYS A 102 -0.15 -22.38 -2.79
N PRO A 103 -0.77 -22.24 -1.61
CA PRO A 103 -0.24 -21.30 -0.63
C PRO A 103 1.13 -21.66 -0.09
N THR A 104 1.96 -20.64 0.08
CA THR A 104 3.30 -20.76 0.60
C THR A 104 3.40 -19.94 1.88
N ILE A 105 3.98 -20.58 2.90
CA ILE A 105 4.12 -20.00 4.24
C ILE A 105 5.56 -20.11 4.66
N ALA A 106 6.18 -18.98 4.96
CA ALA A 106 7.54 -18.97 5.45
C ALA A 106 7.48 -19.11 6.96
N ALA A 107 8.14 -20.15 7.49
CA ALA A 107 8.20 -20.38 8.92
C ALA A 107 9.58 -19.97 9.36
N VAL A 108 9.68 -18.73 9.84
CA VAL A 108 10.97 -18.12 10.07
C VAL A 108 11.42 -18.46 11.48
N ASN A 109 12.37 -19.38 11.58
CA ASN A 109 12.84 -19.93 12.85
C ASN A 109 13.96 -19.14 13.52
N GLY A 110 14.47 -18.12 12.84
CA GLY A 110 15.54 -17.32 13.38
C GLY A 110 15.94 -16.26 12.39
N THR A 111 17.22 -15.94 12.37
CA THR A 111 17.76 -14.94 11.46
C THR A 111 17.22 -15.04 10.03
N ALA A 112 16.66 -13.94 9.54
CA ALA A 112 16.11 -13.84 8.18
C ALA A 112 16.55 -12.50 7.58
N LEU A 113 17.81 -12.42 7.17
CA LEU A 113 18.39 -11.15 6.72
C LEU A 113 18.72 -11.22 5.24
N GLY A 114 18.50 -10.11 4.54
CA GLY A 114 18.87 -9.99 3.14
C GLY A 114 18.03 -10.98 2.36
N GLY A 115 18.70 -11.93 1.71
CA GLY A 115 18.01 -13.02 1.01
C GLY A 115 16.93 -13.69 1.83
N GLY A 116 17.14 -13.83 3.13
CA GLY A 116 16.15 -14.44 4.01
C GLY A 116 14.88 -13.63 4.12
N THR A 117 15.02 -12.31 4.22
CA THR A 117 13.83 -11.44 4.19
C THR A 117 13.17 -11.49 2.81
N GLU A 118 13.99 -11.60 1.77
CA GLU A 118 13.46 -11.74 0.41
C GLU A 118 12.65 -13.04 0.17
N LEU A 119 13.03 -14.11 0.86
CA LEU A 119 12.22 -15.32 0.85
C LEU A 119 10.85 -15.06 1.50
N ALA A 120 10.85 -14.35 2.61
CA ALA A 120 9.61 -14.00 3.30
C ALA A 120 8.71 -13.12 2.41
N LEU A 121 9.30 -12.10 1.79
CA LEU A 121 8.58 -11.25 0.84
C LEU A 121 7.95 -12.04 -0.30
N ALA A 122 8.65 -13.06 -0.78
CA ALA A 122 8.15 -13.90 -1.89
C ALA A 122 7.08 -14.91 -1.45
N SER A 123 6.92 -15.12 -0.14
CA SER A 123 5.95 -16.10 0.37
C SER A 123 4.58 -15.44 0.49
N ASP A 124 3.51 -16.21 0.40
CA ASP A 124 2.18 -15.63 0.64
C ASP A 124 1.96 -15.13 2.06
N LEU A 125 2.51 -15.87 3.04
CA LEU A 125 2.29 -15.68 4.48
C LEU A 125 3.57 -15.98 5.24
N VAL A 126 3.70 -15.36 6.40
CA VAL A 126 4.89 -15.50 7.22
C VAL A 126 4.53 -15.62 8.67
N VAL A 127 5.07 -16.66 9.31
CA VAL A 127 4.99 -16.84 10.75
C VAL A 127 6.40 -16.81 11.27
N ALA A 128 6.63 -16.12 12.37
CA ALA A 128 7.99 -15.99 12.86
C ALA A 128 8.17 -16.27 14.33
N ASP A 129 9.26 -16.97 14.61
CA ASP A 129 9.82 -17.11 15.95
C ASP A 129 10.12 -15.70 16.49
N GLU A 130 9.75 -15.48 17.74
CA GLU A 130 9.97 -14.20 18.44
C GLU A 130 11.41 -13.71 18.36
N ARG A 131 12.35 -14.64 18.21
CA ARG A 131 13.77 -14.31 18.11
C ARG A 131 14.19 -13.82 16.72
N ALA A 132 13.35 -14.04 15.72
CA ALA A 132 13.71 -13.70 14.33
C ALA A 132 13.87 -12.19 14.11
N GLN A 133 14.83 -11.85 13.24
CA GLN A 133 15.08 -10.49 12.81
C GLN A 133 14.96 -10.45 11.31
N PHE A 134 14.42 -9.38 10.76
CA PHE A 134 14.28 -9.20 9.32
C PHE A 134 15.13 -8.00 8.95
N GLY A 135 15.36 -7.76 7.66
CA GLY A 135 16.17 -6.61 7.26
C GLY A 135 16.78 -6.88 5.90
N LEU A 136 17.30 -5.81 5.30
CA LEU A 136 17.94 -5.83 3.98
C LEU A 136 19.29 -5.11 4.12
N PRO A 137 20.30 -5.82 4.68
CA PRO A 137 21.61 -5.17 4.94
C PRO A 137 22.55 -5.13 3.74
N GLU A 138 22.04 -5.43 2.54
CA GLU A 138 22.85 -5.51 1.33
C GLU A 138 23.60 -4.20 1.08
N VAL A 139 22.93 -3.10 1.40
CA VAL A 139 23.53 -1.77 1.24
C VAL A 139 24.80 -1.55 2.07
N LYS A 140 24.96 -2.33 3.13
CA LYS A 140 26.15 -2.29 3.98
C LYS A 140 27.29 -3.11 3.40
N ARG A 141 27.00 -3.95 2.40
CA ARG A 141 28.03 -4.80 1.78
C ARG A 141 28.31 -4.40 0.32
N GLY A 142 27.86 -3.21 -0.07
CA GLY A 142 28.07 -2.73 -1.44
C GLY A 142 27.30 -3.47 -2.52
N LEU A 143 26.25 -4.20 -2.13
CA LEU A 143 25.35 -4.88 -3.07
C LEU A 143 23.94 -4.29 -2.93
N ILE A 144 22.91 -4.98 -3.44
CA ILE A 144 21.50 -4.55 -3.26
C ILE A 144 20.68 -5.82 -3.06
N ALA A 145 19.43 -5.67 -2.58
CA ALA A 145 18.49 -6.77 -2.44
C ALA A 145 17.96 -7.16 -3.80
N ALA A 146 18.77 -7.91 -4.52
CA ALA A 146 18.52 -8.17 -5.92
C ALA A 146 17.49 -9.29 -6.13
N ALA A 147 17.18 -10.01 -5.07
CA ALA A 147 16.20 -11.10 -5.11
C ALA A 147 14.78 -10.60 -4.80
N GLY A 148 14.45 -9.44 -5.34
CA GLY A 148 13.11 -8.86 -5.24
C GLY A 148 12.91 -7.85 -4.12
N GLY A 149 13.83 -7.81 -3.14
CA GLY A 149 13.68 -6.94 -1.95
C GLY A 149 13.54 -5.47 -2.30
N VAL A 150 14.33 -4.98 -3.24
CA VAL A 150 14.31 -3.55 -3.52
C VAL A 150 12.94 -3.02 -3.98
N PHE A 151 12.21 -3.79 -4.78
CA PHE A 151 10.89 -3.36 -5.24
C PHE A 151 9.72 -3.97 -4.48
N ARG A 152 9.94 -5.03 -3.73
CA ARG A 152 8.85 -5.63 -2.96
C ARG A 152 8.69 -5.04 -1.57
N ILE A 153 9.76 -4.51 -0.99
CA ILE A 153 9.68 -4.05 0.40
C ILE A 153 8.63 -2.92 0.55
N ALA A 154 8.59 -1.97 -0.39
CA ALA A 154 7.60 -0.89 -0.31
C ALA A 154 6.21 -1.35 -0.73
N GLU A 155 6.09 -2.55 -1.30
CA GLU A 155 4.80 -3.16 -1.59
C GLU A 155 4.15 -3.81 -0.37
N GLN A 156 4.96 -4.10 0.64
CA GLN A 156 4.54 -4.91 1.76
C GLN A 156 4.65 -4.21 3.13
N LEU A 157 5.35 -3.08 3.17
CA LEU A 157 5.42 -2.19 4.34
C LEU A 157 5.00 -0.80 3.83
N PRO A 158 4.51 0.08 4.73
CA PRO A 158 4.24 1.46 4.32
C PRO A 158 5.48 2.05 3.68
N ARG A 159 5.34 2.83 2.62
CA ARG A 159 6.48 3.39 1.88
C ARG A 159 7.60 3.94 2.73
N LYS A 160 7.29 4.84 3.67
CA LYS A 160 8.33 5.47 4.51
C LYS A 160 9.07 4.47 5.38
N VAL A 161 8.34 3.51 5.95
CA VAL A 161 8.93 2.44 6.77
C VAL A 161 9.83 1.52 5.93
N ALA A 162 9.34 1.14 4.75
CA ALA A 162 10.14 0.42 3.78
C ALA A 162 11.43 1.12 3.38
N MET A 163 11.33 2.41 3.11
CA MET A 163 12.48 3.15 2.63
C MET A 163 13.54 3.24 3.72
N ARG A 164 13.13 3.35 4.99
CA ARG A 164 14.10 3.34 6.10
CA ARG A 164 14.11 3.34 6.04
C ARG A 164 14.85 2.01 6.12
N LEU A 165 14.12 0.91 5.98
CA LEU A 165 14.74 -0.42 5.98
C LEU A 165 15.73 -0.57 4.84
N LEU A 166 15.29 -0.14 3.66
CA LEU A 166 16.07 -0.30 2.47
C LEU A 166 17.35 0.52 2.49
N LEU A 167 17.27 1.78 2.91
CA LEU A 167 18.39 2.69 2.80
C LEU A 167 19.34 2.62 3.99
N THR A 168 18.85 2.29 5.18
CA THR A 168 19.75 2.16 6.36
C THR A 168 20.40 0.78 6.43
N GLY A 169 19.74 -0.25 5.91
CA GLY A 169 20.17 -1.63 6.05
C GLY A 169 20.02 -2.17 7.47
N GLU A 170 19.30 -1.44 8.33
CA GLU A 170 19.10 -1.86 9.74
C GLU A 170 17.91 -2.79 9.92
N PRO A 171 18.03 -3.78 10.83
CA PRO A 171 16.97 -4.77 10.95
C PRO A 171 15.73 -4.33 11.73
N LEU A 172 14.72 -5.19 11.60
CA LEU A 172 13.42 -5.03 12.19
C LEU A 172 13.16 -6.29 13.02
N SER A 173 12.68 -6.13 14.25
CA SER A 173 12.34 -7.28 15.07
C SER A 173 11.10 -7.97 14.50
N ALA A 174 10.93 -9.25 14.85
CA ALA A 174 9.74 -9.99 14.45
C ALA A 174 8.49 -9.28 14.94
N ALA A 175 8.51 -8.76 16.17
CA ALA A 175 7.35 -8.07 16.72
C ALA A 175 7.01 -6.81 15.90
N ALA A 176 8.03 -6.04 15.53
CA ALA A 176 7.80 -4.82 14.75
C ALA A 176 7.27 -5.13 13.35
N ALA A 177 7.80 -6.19 12.73
CA ALA A 177 7.34 -6.64 11.42
C ALA A 177 5.88 -7.03 11.49
N ARG A 178 5.51 -7.72 12.57
CA ARG A 178 4.12 -8.13 12.77
C ARG A 178 3.23 -6.91 13.01
N ASP A 179 3.71 -5.95 13.81
CA ASP A 179 2.93 -4.73 14.05
C ASP A 179 2.61 -3.97 12.75
N TRP A 180 3.53 -3.98 11.79
CA TRP A 180 3.28 -3.30 10.49
C TRP A 180 2.48 -4.12 9.49
N GLY A 181 2.31 -5.39 9.78
CA GLY A 181 1.64 -6.30 8.87
C GLY A 181 2.53 -6.85 7.78
N LEU A 182 3.86 -6.74 7.92
CA LEU A 182 4.78 -7.42 7.02
C LEU A 182 4.77 -8.95 7.17
N ILE A 183 4.56 -9.40 8.41
CA ILE A 183 4.33 -10.81 8.70
C ILE A 183 3.02 -10.98 9.42
N ASN A 184 2.57 -12.24 9.46
CA ASN A 184 1.26 -12.59 10.04
C ASN A 184 1.22 -12.84 11.53
N GLU A 185 2.25 -13.49 12.06
CA GLU A 185 2.25 -13.77 13.49
C GLU A 185 3.63 -14.03 14.05
N VAL A 186 3.75 -13.74 15.34
CA VAL A 186 4.95 -13.99 16.10
C VAL A 186 4.63 -15.04 17.15
N VAL A 187 5.49 -16.03 17.30
CA VAL A 187 5.21 -17.16 18.18
C VAL A 187 6.38 -17.45 19.09
N GLU A 188 6.09 -18.19 20.15
CA GLU A 188 7.08 -18.62 21.13
C GLU A 188 8.26 -19.34 20.49
N ALA A 189 9.46 -19.08 21.01
CA ALA A 189 10.68 -19.69 20.54
C ALA A 189 10.52 -21.20 20.35
N GLY A 190 10.94 -21.68 19.19
CA GLY A 190 10.88 -23.09 18.85
C GLY A 190 9.61 -23.62 18.22
N SER A 191 8.52 -22.85 18.29
CA SER A 191 7.21 -23.32 17.85
C SER A 191 6.83 -22.92 16.43
N VAL A 192 7.74 -22.32 15.68
CA VAL A 192 7.36 -21.72 14.39
C VAL A 192 6.83 -22.74 13.38
N LEU A 193 7.41 -23.94 13.34
CA LEU A 193 6.92 -24.95 12.39
C LEU A 193 5.50 -25.38 12.74
N ASP A 194 5.25 -25.63 14.03
CA ASP A 194 3.89 -25.97 14.47
C ASP A 194 2.89 -24.86 14.15
N ALA A 195 3.26 -23.61 14.43
CA ALA A 195 2.44 -22.45 14.05
C ALA A 195 2.15 -22.40 12.54
N ALA A 196 3.17 -22.62 11.71
CA ALA A 196 3.00 -22.62 10.25
C ALA A 196 2.07 -23.72 9.76
N LEU A 197 2.16 -24.89 10.36
CA LEU A 197 1.30 -26.01 10.00
C LEU A 197 -0.16 -25.72 10.38
N ALA A 198 -0.33 -25.05 11.52
CA ALA A 198 -1.65 -24.65 11.97
C ALA A 198 -2.29 -23.66 10.99
N LEU A 199 -1.49 -22.76 10.45
CA LEU A 199 -1.98 -21.76 9.51
C LEU A 199 -2.30 -22.44 8.17
N ALA A 200 -1.42 -23.33 7.72
CA ALA A 200 -1.69 -24.16 6.55
C ALA A 200 -3.05 -24.84 6.66
N SER A 201 -3.34 -25.45 7.81
CA SER A 201 -4.62 -26.12 8.02
CA SER A 201 -4.63 -26.13 7.98
C SER A 201 -5.80 -25.16 7.92
N ALA A 202 -5.59 -23.90 8.31
CA ALA A 202 -6.64 -22.90 8.19
C ALA A 202 -6.95 -22.59 6.72
N ILE A 203 -6.03 -22.93 5.81
CA ILE A 203 -6.24 -22.73 4.39
C ILE A 203 -6.65 -24.00 3.63
N THR A 204 -6.03 -25.14 3.97
CA THR A 204 -6.18 -26.34 3.13
C THR A 204 -7.55 -26.99 3.25
N VAL A 205 -8.29 -26.63 4.30
CA VAL A 205 -9.69 -27.07 4.43
C VAL A 205 -10.60 -26.41 3.40
N ASN A 206 -10.13 -25.31 2.81
CA ASN A 206 -10.91 -24.56 1.82
C ASN A 206 -10.84 -25.17 0.41
N ALA A 207 -11.74 -24.72 -0.46
CA ALA A 207 -11.84 -25.24 -1.83
C ALA A 207 -10.58 -24.94 -2.67
N PRO A 208 -9.87 -25.99 -3.16
CA PRO A 208 -8.57 -25.77 -3.81
C PRO A 208 -8.64 -24.93 -5.07
N LEU A 209 -9.68 -25.09 -5.87
CA LEU A 209 -9.84 -24.27 -7.05
C LEU A 209 -10.02 -22.81 -6.65
N SER A 210 -10.78 -22.55 -5.59
CA SER A 210 -11.00 -21.18 -5.10
C SER A 210 -9.72 -20.52 -4.62
N VAL A 211 -8.94 -21.27 -3.85
CA VAL A 211 -7.67 -20.80 -3.30
C VAL A 211 -6.70 -20.49 -4.42
N GLN A 212 -6.63 -21.38 -5.39
CA GLN A 212 -5.70 -21.22 -6.49
C GLN A 212 -6.09 -20.03 -7.36
N ALA A 213 -7.38 -19.90 -7.65
CA ALA A 213 -7.85 -18.78 -8.45
C ALA A 213 -7.63 -17.47 -7.69
N SER A 214 -7.88 -17.50 -6.38
CA SER A 214 -7.73 -16.28 -5.57
C SER A 214 -6.27 -15.79 -5.64
N LYS A 215 -5.34 -16.73 -5.60
CA LYS A 215 -3.91 -16.42 -5.74
C LYS A 215 -3.56 -15.84 -7.09
N ARG A 216 -4.03 -16.47 -8.16
CA ARG A 216 -3.72 -15.98 -9.50
C ARG A 216 -4.24 -14.55 -9.75
N ILE A 217 -5.42 -14.25 -9.24
CA ILE A 217 -5.98 -12.91 -9.36
C ILE A 217 -5.25 -11.92 -8.45
N ALA A 218 -5.00 -12.30 -7.21
CA ALA A 218 -4.41 -11.37 -6.24
C ALA A 218 -3.00 -10.97 -6.66
N TYR A 219 -2.27 -11.86 -7.31
CA TYR A 219 -0.92 -11.53 -7.76
C TYR A 219 -0.85 -11.10 -9.23
N GLY A 220 -1.99 -11.08 -9.92
CA GLY A 220 -2.02 -10.66 -11.33
C GLY A 220 -1.28 -11.59 -12.27
N VAL A 221 -1.55 -12.89 -12.15
CA VAL A 221 -0.90 -13.93 -12.96
C VAL A 221 -1.61 -14.14 -14.31
N ASP A 222 -0.86 -13.95 -15.40
CA ASP A 222 -1.35 -14.14 -16.77
C ASP A 222 -0.46 -15.11 -17.51
N ASP A 223 -1.07 -16.14 -18.09
CA ASP A 223 -0.32 -17.15 -18.83
C ASP A 223 0.89 -17.60 -18.01
N GLY A 224 0.66 -17.84 -16.72
CA GLY A 224 1.72 -18.26 -15.78
C GLY A 224 2.73 -17.22 -15.27
N VAL A 225 2.66 -16.00 -15.79
CA VAL A 225 3.64 -14.94 -15.49
C VAL A 225 3.07 -13.93 -14.52
N VAL A 226 3.80 -13.61 -13.44
CA VAL A 226 3.41 -12.49 -12.57
C VAL A 226 3.85 -11.23 -13.29
N VAL A 227 2.99 -10.76 -14.18
CA VAL A 227 3.37 -9.73 -15.13
C VAL A 227 3.72 -8.38 -14.52
N GLY A 228 3.04 -8.00 -13.45
CA GLY A 228 3.31 -6.72 -12.81
C GLY A 228 4.70 -6.56 -12.20
N ASP A 229 5.42 -7.67 -12.04
CA ASP A 229 6.75 -7.61 -11.41
C ASP A 229 7.83 -7.42 -12.44
N GLU A 230 7.49 -7.56 -13.72
CA GLU A 230 8.48 -7.48 -14.77
C GLU A 230 9.35 -6.23 -14.73
N PRO A 231 8.75 -5.02 -14.62
CA PRO A 231 9.58 -3.82 -14.57
C PRO A 231 10.54 -3.83 -13.38
N GLY A 232 10.08 -4.28 -12.21
CA GLY A 232 10.98 -4.35 -11.05
C GLY A 232 12.14 -5.32 -11.27
N TRP A 233 11.86 -6.48 -11.82
CA TRP A 233 12.93 -7.43 -12.11
C TRP A 233 13.91 -6.84 -13.13
N ASP A 234 13.38 -6.19 -14.16
CA ASP A 234 14.21 -5.64 -15.21
C ASP A 234 15.11 -4.52 -14.68
N ARG A 235 14.57 -3.62 -13.85
CA ARG A 235 15.40 -2.56 -13.29
C ARG A 235 16.41 -3.15 -12.31
N THR A 236 15.98 -4.12 -11.50
CA THR A 236 16.89 -4.76 -10.56
C THR A 236 18.07 -5.41 -11.28
N MET A 237 17.76 -6.15 -12.33
CA MET A 237 18.77 -6.88 -13.08
C MET A 237 19.76 -5.92 -13.74
N ARG A 238 19.27 -4.83 -14.33
CA ARG A 238 20.15 -3.88 -15.03
C ARG A 238 21.06 -3.17 -14.01
N GLU A 239 20.51 -2.80 -12.86
CA GLU A 239 21.30 -2.20 -11.78
C GLU A 239 22.34 -3.14 -11.16
N MET A 240 21.97 -4.40 -10.92
CA MET A 240 22.84 -5.35 -10.26
C MET A 240 24.06 -5.61 -11.14
N ARG A 241 23.81 -5.82 -12.43
CA ARG A 241 24.90 -6.05 -13.37
C ARG A 241 25.93 -4.92 -13.36
N ALA A 242 25.44 -3.67 -13.29
CA ALA A 242 26.34 -2.52 -13.23
C ALA A 242 27.06 -2.43 -11.87
N LEU A 243 26.33 -2.76 -10.80
CA LEU A 243 26.87 -2.66 -9.43
C LEU A 243 28.01 -3.66 -9.17
N LEU A 244 27.82 -4.88 -9.67
CA LEU A 244 28.76 -5.98 -9.44
C LEU A 244 30.14 -5.70 -10.03
N LYS A 245 30.22 -4.75 -10.97
CA LYS A 245 31.50 -4.34 -11.59
C LYS A 245 32.28 -3.30 -10.79
N SER A 246 31.64 -2.68 -9.81
CA SER A 246 32.27 -1.66 -8.97
C SER A 246 33.27 -2.26 -7.96
N GLU A 247 34.29 -1.50 -7.58
CA GLU A 247 35.19 -1.90 -6.50
C GLU A 247 34.44 -2.00 -5.16
N ASP A 248 33.49 -1.10 -4.91
CA ASP A 248 32.72 -1.12 -3.68
C ASP A 248 32.00 -2.46 -3.44
N ALA A 249 31.51 -3.08 -4.52
CA ALA A 249 30.82 -4.38 -4.43
C ALA A 249 31.75 -5.52 -4.01
N LYS A 250 33.07 -5.33 -4.19
CA LYS A 250 34.07 -6.28 -3.69
C LYS A 250 34.59 -5.89 -2.31
N GLU A 251 34.76 -4.59 -2.07
CA GLU A 251 35.18 -4.06 -0.76
C GLU A 251 34.17 -4.41 0.35
N GLY A 252 32.88 -4.25 0.07
CA GLY A 252 31.87 -4.51 1.09
C GLY A 252 31.98 -5.89 1.70
N PRO A 253 31.89 -6.95 0.86
CA PRO A 253 32.01 -8.31 1.38
C PRO A 253 33.42 -8.65 1.89
N ARG A 254 34.46 -8.14 1.23
CA ARG A 254 35.84 -8.30 1.75
C ARG A 254 35.94 -7.76 3.18
N ALA A 255 35.44 -6.54 3.39
CA ALA A 255 35.44 -5.89 4.72
C ALA A 255 34.65 -6.67 5.78
N PHE A 256 33.51 -7.24 5.40
CA PHE A 256 32.69 -8.03 6.33
C PHE A 256 33.40 -9.34 6.70
N ALA A 257 34.01 -9.98 5.69
CA ALA A 257 34.87 -11.15 5.91
C ALA A 257 36.10 -10.85 6.78
N GLU A 258 36.62 -9.63 6.68
CA GLU A 258 37.83 -9.21 7.40
C GLU A 258 37.55 -8.54 8.75
N LYS A 259 36.29 -8.55 9.18
CA LYS A 259 35.86 -7.96 10.46
C LYS A 259 36.32 -6.52 10.66
N ARG A 260 35.99 -5.67 9.68
CA ARG A 260 36.39 -4.25 9.71
C ARG A 260 35.39 -3.34 8.99
N GLU A 261 35.56 -2.03 9.16
CA GLU A 261 34.75 -1.02 8.47
C GLU A 261 35.17 -0.97 7.00
N PRO A 262 34.19 -0.80 6.08
CA PRO A 262 34.52 -0.59 4.68
C PRO A 262 34.96 0.84 4.38
N VAL A 263 35.77 0.97 3.33
CA VAL A 263 36.13 2.27 2.76
C VAL A 263 35.54 2.38 1.36
N TRP A 264 34.44 3.11 1.22
CA TRP A 264 33.80 3.28 -0.07
C TRP A 264 34.47 4.33 -0.94
N GLN A 265 34.47 4.07 -2.25
CA GLN A 265 34.99 4.98 -3.28
C GLN A 265 33.93 5.55 -4.23
N ALA A 266 32.70 5.03 -4.15
CA ALA A 266 31.65 5.43 -5.07
C ALA A 266 32.04 4.97 -6.47
N ARG A 267 32.78 3.86 -6.50
CA ARG A 267 33.18 3.23 -7.74
C ARG A 267 33.57 1.78 -7.45
N THR B 6 17.51 43.51 3.61
CA THR B 6 17.11 42.08 3.68
C THR B 6 17.77 41.30 2.54
N ASP B 7 17.01 41.02 1.48
CA ASP B 7 17.55 40.30 0.32
C ASP B 7 18.10 38.92 0.67
N ALA B 8 17.47 38.21 1.59
CA ALA B 8 17.84 36.84 1.90
C ALA B 8 17.13 35.91 0.93
N PRO B 9 17.81 34.85 0.49
CA PRO B 9 17.24 33.94 -0.49
C PRO B 9 16.11 33.11 0.12
N GLY B 10 15.26 32.59 -0.76
CA GLY B 10 14.10 31.82 -0.34
C GLY B 10 14.46 30.55 0.37
N ALA B 11 15.62 29.99 0.06
CA ALA B 11 16.12 28.81 0.75
C ALA B 11 17.63 28.90 0.89
N LEU B 12 18.14 28.45 2.03
CA LEU B 12 19.57 28.37 2.28
C LEU B 12 20.04 26.94 2.08
N ALA B 13 21.30 26.76 1.72
CA ALA B 13 21.91 25.44 1.70
C ALA B 13 23.21 25.52 2.48
N GLU B 14 23.43 24.52 3.32
CA GLU B 14 24.62 24.43 4.14
C GLU B 14 25.04 22.96 4.22
N ARG B 15 26.30 22.72 4.54
CA ARG B 15 26.82 21.36 4.60
C ARG B 15 27.18 21.01 6.04
N ARG B 16 26.60 19.91 6.55
CA ARG B 16 27.02 19.34 7.81
C ARG B 16 27.73 18.05 7.45
N GLY B 17 29.06 18.11 7.33
CA GLY B 17 29.82 16.96 6.87
C GLY B 17 29.37 16.55 5.47
N ASN B 18 28.92 15.29 5.30
CA ASN B 18 28.46 14.79 4.00
C ASN B 18 26.94 14.92 3.74
N VAL B 19 26.27 15.69 4.59
CA VAL B 19 24.84 15.96 4.45
C VAL B 19 24.67 17.41 4.03
N MET B 20 23.87 17.62 3.00
CA MET B 20 23.46 18.96 2.68
C MET B 20 22.18 19.23 3.40
N VAL B 21 22.16 20.32 4.15
CA VAL B 21 20.95 20.78 4.82
C VAL B 21 20.38 21.96 4.05
N ILE B 22 19.15 21.79 3.58
CA ILE B 22 18.42 22.83 2.85
C ILE B 22 17.33 23.41 3.76
N THR B 23 17.35 24.72 3.98
CA THR B 23 16.42 25.34 4.91
C THR B 23 15.54 26.33 4.17
N ILE B 24 14.22 26.12 4.20
CA ILE B 24 13.29 27.08 3.61
C ILE B 24 13.41 28.32 4.50
N ASN B 25 13.55 29.48 3.88
CA ASN B 25 13.96 30.70 4.56
C ASN B 25 12.94 31.84 4.41
N ARG B 26 11.66 31.55 4.68
CA ARG B 26 10.63 32.61 4.74
C ARG B 26 9.78 32.53 6.00
N PRO B 27 10.42 32.60 7.18
CA PRO B 27 9.63 32.44 8.39
C PRO B 27 8.57 33.53 8.57
N GLU B 28 8.86 34.76 8.10
CA GLU B 28 7.86 35.84 8.13
C GLU B 28 6.56 35.48 7.38
N ALA B 29 6.64 34.47 6.51
CA ALA B 29 5.47 34.00 5.78
C ALA B 29 5.18 32.51 6.04
N ARG B 30 5.59 32.03 7.20
CA ARG B 30 5.35 30.63 7.62
C ARG B 30 5.96 29.63 6.64
N ASN B 31 7.05 30.06 6.02
CA ASN B 31 7.82 29.23 5.11
C ASN B 31 6.98 28.69 3.96
N ALA B 32 6.01 29.49 3.54
CA ALA B 32 5.18 29.15 2.39
C ALA B 32 6.01 29.17 1.12
N ILE B 33 5.63 28.30 0.19
CA ILE B 33 6.37 28.14 -1.06
C ILE B 33 6.00 29.19 -2.09
N ASN B 34 7.02 29.89 -2.58
CA ASN B 34 6.90 30.70 -3.78
C ASN B 34 8.08 30.38 -4.73
N ALA B 35 8.13 31.07 -5.86
CA ALA B 35 9.20 30.87 -6.84
C ALA B 35 10.63 31.03 -6.28
N ALA B 36 10.83 31.98 -5.37
CA ALA B 36 12.15 32.18 -4.74
C ALA B 36 12.60 30.97 -3.90
N VAL B 37 11.67 30.38 -3.15
CA VAL B 37 11.95 29.17 -2.40
C VAL B 37 12.29 28.04 -3.37
N SER B 38 11.51 27.93 -4.45
CA SER B 38 11.74 26.88 -5.42
C SER B 38 13.12 26.96 -6.07
N ILE B 39 13.60 28.17 -6.28
CA ILE B 39 14.94 28.37 -6.82
C ILE B 39 16.00 27.86 -5.87
N GLY B 40 15.88 28.24 -4.60
CA GLY B 40 16.84 27.83 -3.59
C GLY B 40 16.88 26.34 -3.38
N VAL B 41 15.70 25.73 -3.26
CA VAL B 41 15.60 24.31 -2.99
C VAL B 41 16.04 23.48 -4.21
N GLY B 42 15.50 23.84 -5.37
CA GLY B 42 15.80 23.14 -6.60
C GLY B 42 17.27 23.19 -6.98
N ASP B 43 17.89 24.37 -6.90
CA ASP B 43 19.32 24.45 -7.23
C ASP B 43 20.18 23.62 -6.24
N ALA B 44 19.84 23.67 -4.96
CA ALA B 44 20.57 22.93 -3.91
C ALA B 44 20.45 21.42 -4.13
N LEU B 45 19.25 20.95 -4.45
CA LEU B 45 19.08 19.54 -4.80
C LEU B 45 19.93 19.14 -5.99
N GLU B 46 19.97 19.99 -7.01
CA GLU B 46 20.74 19.69 -8.22
C GLU B 46 22.24 19.61 -7.86
N GLU B 47 22.67 20.49 -6.96
CA GLU B 47 24.07 20.52 -6.51
C GLU B 47 24.38 19.27 -5.72
N ALA B 48 23.42 18.87 -4.88
CA ALA B 48 23.58 17.66 -4.08
C ALA B 48 23.73 16.45 -4.98
N GLN B 49 22.93 16.39 -6.04
CA GLN B 49 22.98 15.28 -6.97
C GLN B 49 24.38 15.18 -7.57
N HIS B 50 24.99 16.33 -7.86
CA HIS B 50 26.21 16.32 -8.66
C HIS B 50 27.50 16.32 -7.87
N ASP B 51 27.42 16.64 -6.59
CA ASP B 51 28.59 16.69 -5.73
C ASP B 51 28.76 15.31 -5.10
N PRO B 52 29.80 14.55 -5.52
CA PRO B 52 29.93 13.25 -4.88
C PRO B 52 30.38 13.33 -3.41
N GLU B 53 30.70 14.50 -2.88
CA GLU B 53 30.94 14.60 -1.44
C GLU B 53 29.62 14.65 -0.63
N VAL B 54 28.51 14.93 -1.31
CA VAL B 54 27.18 14.90 -0.68
C VAL B 54 26.58 13.48 -0.73
N ARG B 55 26.23 12.95 0.45
CA ARG B 55 25.69 11.60 0.59
C ARG B 55 24.21 11.54 0.98
N ALA B 56 23.68 12.66 1.44
CA ALA B 56 22.28 12.75 1.87
C ALA B 56 21.86 14.22 1.93
N VAL B 57 20.56 14.43 1.85
CA VAL B 57 19.98 15.75 1.91
C VAL B 57 18.91 15.78 2.97
N VAL B 58 18.95 16.82 3.81
CA VAL B 58 17.88 17.14 4.76
C VAL B 58 17.22 18.46 4.38
N LEU B 59 15.89 18.46 4.36
CA LEU B 59 15.06 19.63 4.07
C LEU B 59 14.34 20.02 5.35
N THR B 60 14.45 21.27 5.78
CA THR B 60 13.77 21.76 6.99
C THR B 60 13.33 23.21 6.77
N GLY B 61 12.65 23.78 7.77
CA GLY B 61 12.15 25.13 7.71
C GLY B 61 12.84 25.97 8.76
N ALA B 62 13.07 27.23 8.45
CA ALA B 62 13.69 28.16 9.38
C ALA B 62 12.75 28.46 10.53
N GLY B 63 13.30 28.58 11.74
CA GLY B 63 12.51 28.98 12.91
C GLY B 63 11.83 27.82 13.63
N ASP B 64 10.99 28.17 14.62
CA ASP B 64 10.48 27.17 15.56
C ASP B 64 8.99 26.86 15.45
N LYS B 65 8.29 27.41 14.45
CA LYS B 65 6.85 27.18 14.35
C LYS B 65 6.44 26.50 13.06
N SER B 66 7.16 26.75 11.97
CA SER B 66 6.71 26.33 10.62
C SER B 66 7.74 25.54 9.86
N PHE B 67 7.37 24.37 9.35
CA PHE B 67 8.19 23.67 8.34
C PHE B 67 7.85 24.29 6.99
N CYS B 68 6.57 24.19 6.63
CA CYS B 68 6.03 24.83 5.45
C CYS B 68 4.52 24.83 5.57
N ALA B 69 3.95 26.03 5.65
CA ALA B 69 2.51 26.20 5.82
C ALA B 69 1.71 25.87 4.56
N GLY B 70 2.41 25.67 3.45
CA GLY B 70 1.82 25.32 2.17
C GLY B 70 2.24 26.24 1.05
N ALA B 71 1.50 26.20 -0.06
CA ALA B 71 1.70 27.12 -1.16
C ALA B 71 1.39 28.55 -0.69
N ASP B 72 2.19 29.53 -1.09
CA ASP B 72 1.97 30.92 -0.70
C ASP B 72 0.67 31.43 -1.32
N LEU B 73 -0.30 31.78 -0.48
CA LEU B 73 -1.64 32.14 -0.95
C LEU B 73 -1.69 33.47 -1.73
N LYS B 74 -0.73 34.36 -1.47
CA LYS B 74 -0.68 35.65 -2.15
C LYS B 74 -0.14 35.49 -3.57
N ALA B 75 0.80 34.57 -3.73
CA ALA B 75 1.31 34.19 -5.05
C ALA B 75 0.22 33.51 -5.88
N ILE B 76 -0.61 32.71 -5.23
CA ILE B 76 -1.69 32.03 -5.93
C ILE B 76 -2.67 33.10 -6.45
N ALA B 77 -2.87 34.11 -5.60
CA ALA B 77 -3.82 35.18 -5.87
C ALA B 77 -3.36 36.03 -7.06
N ARG B 78 -2.05 36.20 -7.18
CA ARG B 78 -1.45 36.89 -8.34
C ARG B 78 -1.48 36.03 -9.61
N ARG B 79 -1.96 34.78 -9.47
CA ARG B 79 -1.96 33.78 -10.56
C ARG B 79 -0.53 33.60 -11.06
N GLU B 80 0.33 33.34 -10.07
CA GLU B 80 1.78 33.37 -10.18
C GLU B 80 2.30 31.95 -10.07
N ASN B 81 3.34 31.59 -10.82
CA ASN B 81 3.86 30.23 -10.75
C ASN B 81 4.65 30.07 -9.47
N LEU B 82 4.54 28.89 -8.87
CA LEU B 82 5.18 28.63 -7.59
C LEU B 82 6.51 27.91 -7.79
N TYR B 83 6.69 27.39 -8.99
CA TYR B 83 7.81 26.51 -9.28
C TYR B 83 9.10 27.26 -9.60
N HIS B 84 10.19 26.52 -9.75
CA HIS B 84 11.47 27.10 -10.15
C HIS B 84 11.26 27.64 -11.56
N PRO B 85 11.45 28.96 -11.77
CA PRO B 85 11.08 29.47 -13.10
C PRO B 85 11.82 28.85 -14.29
N ASP B 86 13.02 28.33 -14.07
CA ASP B 86 13.78 27.69 -15.15
C ASP B 86 13.65 26.17 -15.23
N HIS B 87 12.93 25.61 -14.28
CA HIS B 87 12.79 24.17 -14.15
C HIS B 87 11.35 23.80 -13.78
N PRO B 88 10.40 24.08 -14.69
CA PRO B 88 9.03 23.71 -14.38
C PRO B 88 8.89 22.20 -14.15
N GLU B 89 9.78 21.42 -14.75
CA GLU B 89 9.71 19.96 -14.67
C GLU B 89 9.97 19.46 -13.25
N TRP B 90 10.54 20.29 -12.38
CA TRP B 90 10.78 19.87 -10.98
C TRP B 90 9.56 20.06 -10.07
N GLY B 91 8.55 20.73 -10.59
CA GLY B 91 7.32 21.00 -9.83
C GLY B 91 7.48 21.92 -8.63
N PHE B 92 6.48 21.80 -7.76
CA PHE B 92 6.33 22.61 -6.56
C PHE B 92 7.58 22.59 -5.69
N ALA B 93 8.06 23.78 -5.34
CA ALA B 93 9.24 23.98 -4.47
C ALA B 93 10.54 23.54 -5.11
N GLY B 94 10.51 23.28 -6.42
CA GLY B 94 11.65 22.67 -7.11
C GLY B 94 11.99 21.30 -6.56
N TYR B 95 11.01 20.63 -5.98
CA TYR B 95 11.25 19.48 -5.11
C TYR B 95 10.38 18.24 -5.38
N VAL B 96 9.08 18.43 -5.58
CA VAL B 96 8.14 17.29 -5.56
C VAL B 96 8.17 16.40 -6.81
N ARG B 97 8.73 16.91 -7.89
CA ARG B 97 8.99 16.12 -9.11
C ARG B 97 10.47 16.26 -9.49
N HIS B 98 11.33 16.25 -8.49
CA HIS B 98 12.77 16.41 -8.66
C HIS B 98 13.50 15.22 -8.05
N PHE B 99 13.50 14.12 -8.77
CA PHE B 99 14.16 12.92 -8.31
C PHE B 99 15.68 13.14 -8.31
N ILE B 100 16.28 12.80 -7.18
CA ILE B 100 17.72 12.66 -7.04
C ILE B 100 18.05 11.28 -6.44
N ASP B 101 19.23 10.79 -6.80
CA ASP B 101 19.80 9.49 -6.41
CA ASP B 101 19.51 9.42 -6.34
C ASP B 101 20.12 9.35 -4.93
N LYS B 102 20.27 10.50 -4.28
CA LYS B 102 20.69 10.53 -2.89
C LYS B 102 19.50 10.64 -1.96
N PRO B 103 19.58 10.03 -0.78
CA PRO B 103 18.47 10.07 0.14
C PRO B 103 18.09 11.48 0.59
N THR B 104 16.77 11.70 0.68
CA THR B 104 16.19 12.94 1.18
C THR B 104 15.36 12.69 2.45
N ILE B 105 15.56 13.53 3.44
CA ILE B 105 14.90 13.42 4.72
C ILE B 105 14.29 14.78 5.02
N ALA B 106 12.98 14.81 5.19
CA ALA B 106 12.29 16.00 5.64
C ALA B 106 12.38 16.11 7.16
N ALA B 107 12.91 17.22 7.66
CA ALA B 107 13.00 17.44 9.07
C ALA B 107 11.94 18.49 9.41
N VAL B 108 10.78 18.00 9.81
CA VAL B 108 9.58 18.80 10.00
C VAL B 108 9.57 19.42 11.39
N ASN B 109 9.89 20.71 11.40
CA ASN B 109 10.10 21.46 12.64
C ASN B 109 8.81 22.08 13.19
N GLY B 110 7.76 22.12 12.38
CA GLY B 110 6.47 22.61 12.86
C GLY B 110 5.38 22.38 11.83
N THR B 111 4.52 23.38 11.62
CA THR B 111 3.38 23.23 10.72
C THR B 111 3.81 22.72 9.37
N ALA B 112 3.10 21.71 8.86
CA ALA B 112 3.41 21.11 7.57
C ALA B 112 2.11 20.77 6.87
N LEU B 113 1.36 21.81 6.52
CA LEU B 113 0.04 21.66 5.92
C LEU B 113 0.07 21.90 4.41
N GLY B 114 -0.78 21.15 3.72
CA GLY B 114 -0.94 21.27 2.29
C GLY B 114 0.40 20.98 1.63
N GLY B 115 0.95 22.01 0.96
CA GLY B 115 2.29 21.94 0.38
C GLY B 115 3.35 21.35 1.31
N GLY B 116 3.30 21.65 2.61
CA GLY B 116 4.26 21.07 3.55
C GLY B 116 4.17 19.57 3.66
N THR B 117 2.95 19.06 3.70
CA THR B 117 2.71 17.64 3.69
C THR B 117 3.16 17.01 2.37
N GLU B 118 2.98 17.74 1.27
CA GLU B 118 3.39 17.27 -0.05
C GLU B 118 4.93 17.20 -0.14
N LEU B 119 5.63 18.12 0.49
CA LEU B 119 7.09 18.00 0.61
C LEU B 119 7.49 16.72 1.37
N ALA B 120 6.79 16.40 2.45
CA ALA B 120 7.03 15.17 3.22
C ALA B 120 6.80 13.94 2.36
N LEU B 121 5.68 13.92 1.63
CA LEU B 121 5.37 12.81 0.75
C LEU B 121 6.43 12.61 -0.32
N ALA B 122 6.98 13.70 -0.83
CA ALA B 122 7.98 13.66 -1.89
C ALA B 122 9.37 13.25 -1.34
N SER B 123 9.58 13.36 -0.04
CA SER B 123 10.84 12.96 0.59
C SER B 123 10.93 11.43 0.80
N ASP B 124 12.16 10.88 0.89
CA ASP B 124 12.29 9.47 1.18
C ASP B 124 11.85 9.11 2.60
N LEU B 125 12.22 9.97 3.56
CA LEU B 125 12.04 9.74 4.99
C LEU B 125 11.60 11.05 5.63
N VAL B 126 10.90 10.92 6.76
CA VAL B 126 10.44 12.08 7.53
C VAL B 126 10.65 11.89 9.03
N VAL B 127 11.30 12.89 9.64
CA VAL B 127 11.38 13.02 11.09
C VAL B 127 10.61 14.30 11.48
N ALA B 128 9.74 14.21 12.47
CA ALA B 128 8.90 15.36 12.85
C ALA B 128 9.01 15.70 14.33
N ASP B 129 9.13 17.00 14.60
CA ASP B 129 8.87 17.59 15.90
C ASP B 129 7.47 17.15 16.38
N GLU B 130 7.35 16.80 17.66
CA GLU B 130 6.09 16.34 18.26
CA GLU B 130 6.08 16.32 18.21
C GLU B 130 4.95 17.33 18.02
N ARG B 131 5.31 18.61 17.85
CA ARG B 131 4.32 19.67 17.63
C ARG B 131 3.79 19.77 16.20
N ALA B 132 4.47 19.10 15.26
CA ALA B 132 4.12 19.22 13.85
C ALA B 132 2.73 18.70 13.57
N GLN B 133 2.06 19.38 12.66
CA GLN B 133 0.75 19.00 12.17
C GLN B 133 0.81 18.83 10.64
N PHE B 134 0.19 17.76 10.15
CA PHE B 134 0.15 17.45 8.72
C PHE B 134 -1.28 17.56 8.24
N GLY B 135 -1.45 17.57 6.93
CA GLY B 135 -2.80 17.57 6.34
C GLY B 135 -2.82 18.16 4.95
N LEU B 136 -3.95 17.99 4.29
CA LEU B 136 -4.18 18.50 2.92
C LEU B 136 -5.50 19.28 2.91
N PRO B 137 -5.47 20.51 3.42
CA PRO B 137 -6.67 21.34 3.55
C PRO B 137 -7.11 22.04 2.27
N GLU B 138 -6.46 21.76 1.15
CA GLU B 138 -6.72 22.45 -0.12
C GLU B 138 -8.21 22.45 -0.51
N VAL B 139 -8.88 21.34 -0.23
CA VAL B 139 -10.27 21.18 -0.60
C VAL B 139 -11.20 22.14 0.14
N LYS B 140 -10.70 22.79 1.18
CA LYS B 140 -11.48 23.79 1.91
C LYS B 140 -11.45 25.18 1.23
N ARG B 141 -10.55 25.36 0.27
CA ARG B 141 -10.35 26.64 -0.43
C ARG B 141 -10.68 26.60 -1.93
N GLY B 142 -11.15 25.47 -2.43
CA GLY B 142 -11.59 25.38 -3.84
C GLY B 142 -10.54 24.92 -4.83
N LEU B 143 -9.37 24.54 -4.31
CA LEU B 143 -8.27 24.00 -5.09
C LEU B 143 -8.06 22.53 -4.68
N ILE B 144 -6.89 21.98 -5.00
CA ILE B 144 -6.55 20.61 -4.61
C ILE B 144 -5.07 20.54 -4.29
N ALA B 145 -4.66 19.41 -3.69
CA ALA B 145 -3.25 19.14 -3.42
C ALA B 145 -2.57 18.80 -4.74
N ALA B 146 -2.22 19.86 -5.48
CA ALA B 146 -1.71 19.77 -6.84
C ALA B 146 -0.24 19.40 -6.90
N ALA B 147 0.46 19.52 -5.78
CA ALA B 147 1.90 19.20 -5.69
C ALA B 147 2.16 17.72 -5.31
N GLY B 148 1.36 16.82 -5.89
CA GLY B 148 1.51 15.38 -5.67
C GLY B 148 0.62 14.78 -4.59
N GLY B 149 0.00 15.60 -3.76
CA GLY B 149 -0.67 15.05 -2.57
C GLY B 149 -1.87 14.18 -2.93
N VAL B 150 -2.62 14.58 -3.95
CA VAL B 150 -3.85 13.86 -4.29
C VAL B 150 -3.59 12.40 -4.68
N PHE B 151 -2.51 12.13 -5.40
CA PHE B 151 -2.21 10.75 -5.74
C PHE B 151 -1.14 10.06 -4.89
N ARG B 152 -0.34 10.80 -4.13
CA ARG B 152 0.64 10.14 -3.27
C ARG B 152 0.09 9.80 -1.90
N ILE B 153 -0.95 10.48 -1.44
CA ILE B 153 -1.40 10.27 -0.06
C ILE B 153 -1.89 8.82 0.11
N ALA B 154 -2.62 8.31 -0.87
CA ALA B 154 -3.12 6.94 -0.78
C ALA B 154 -2.07 5.89 -1.10
N GLU B 155 -0.94 6.34 -1.63
CA GLU B 155 0.22 5.46 -1.84
C GLU B 155 1.05 5.23 -0.57
N GLN B 156 0.91 6.13 0.39
CA GLN B 156 1.76 6.12 1.57
C GLN B 156 1.05 5.92 2.90
N LEU B 157 -0.28 5.99 2.86
CA LEU B 157 -1.13 5.74 4.01
C LEU B 157 -2.16 4.70 3.59
N PRO B 158 -2.74 3.97 4.54
CA PRO B 158 -3.82 3.06 4.17
C PRO B 158 -4.90 3.78 3.40
N ARG B 159 -5.43 3.13 2.40
CA ARG B 159 -6.34 3.78 1.50
C ARG B 159 -7.47 4.54 2.21
N LYS B 160 -8.20 3.90 3.10
CA LYS B 160 -9.31 4.59 3.76
C LYS B 160 -8.84 5.77 4.61
N VAL B 161 -7.72 5.63 5.29
CA VAL B 161 -7.16 6.71 6.10
C VAL B 161 -6.75 7.90 5.20
N ALA B 162 -6.11 7.59 4.06
CA ALA B 162 -5.72 8.61 3.09
C ALA B 162 -6.92 9.35 2.54
N MET B 163 -7.97 8.60 2.19
CA MET B 163 -9.16 9.21 1.61
CA MET B 163 -9.16 9.21 1.61
C MET B 163 -9.85 10.12 2.62
N ARG B 164 -9.88 9.76 3.89
CA ARG B 164 -10.51 10.65 4.87
C ARG B 164 -9.75 11.98 4.95
N LEU B 165 -8.43 11.88 5.00
CA LEU B 165 -7.59 13.07 5.04
CA LEU B 165 -7.58 13.10 5.02
C LEU B 165 -7.80 13.95 3.79
N LEU B 166 -7.87 13.32 2.63
CA LEU B 166 -7.96 14.03 1.35
C LEU B 166 -9.30 14.73 1.21
N LEU B 167 -10.38 14.03 1.56
CA LEU B 167 -11.74 14.54 1.33
C LEU B 167 -12.25 15.47 2.44
N THR B 168 -11.83 15.25 3.69
CA THR B 168 -12.22 16.16 4.78
C THR B 168 -11.33 17.41 4.85
N GLY B 169 -10.06 17.26 4.47
CA GLY B 169 -9.12 18.37 4.60
C GLY B 169 -8.67 18.61 6.03
N GLU B 170 -8.97 17.68 6.92
CA GLU B 170 -8.66 17.86 8.34
C GLU B 170 -7.25 17.42 8.66
N PRO B 171 -6.64 18.03 9.67
CA PRO B 171 -5.23 17.76 9.95
C PRO B 171 -4.98 16.44 10.69
N LEU B 172 -3.70 16.06 10.71
CA LEU B 172 -3.23 14.80 11.28
C LEU B 172 -2.08 15.16 12.21
N SER B 173 -2.08 14.67 13.46
CA SER B 173 -0.93 14.91 14.36
C SER B 173 0.31 14.17 13.90
N ALA B 174 1.46 14.59 14.42
CA ALA B 174 2.71 13.89 14.13
C ALA B 174 2.64 12.44 14.62
N ALA B 175 2.07 12.25 15.79
CA ALA B 175 1.91 10.92 16.32
C ALA B 175 1.05 10.03 15.41
N ALA B 176 -0.08 10.55 14.95
CA ALA B 176 -0.97 9.76 14.09
C ALA B 176 -0.27 9.46 12.74
N ALA B 177 0.45 10.46 12.24
CA ALA B 177 1.23 10.26 11.00
C ALA B 177 2.23 9.15 11.18
N ARG B 178 2.90 9.13 12.33
CA ARG B 178 3.88 8.09 12.61
C ARG B 178 3.21 6.73 12.75
N ASP B 179 2.05 6.68 13.42
CA ASP B 179 1.35 5.41 13.64
C ASP B 179 0.96 4.74 12.33
N TRP B 180 0.60 5.54 11.34
CA TRP B 180 0.10 5.00 10.07
C TRP B 180 1.27 4.60 9.17
N GLY B 181 2.47 5.04 9.52
CA GLY B 181 3.68 4.68 8.75
C GLY B 181 4.03 5.73 7.72
N LEU B 182 3.36 6.86 7.84
CA LEU B 182 3.62 8.00 6.98
C LEU B 182 4.87 8.88 7.22
N ILE B 183 5.25 9.03 8.47
CA ILE B 183 6.53 9.61 8.83
C ILE B 183 7.22 8.50 9.60
N ASN B 184 8.52 8.67 9.79
CA ASN B 184 9.35 7.65 10.43
C ASN B 184 9.50 7.76 11.94
N GLU B 185 9.55 9.00 12.43
CA GLU B 185 9.83 9.20 13.83
C GLU B 185 9.39 10.58 14.32
N VAL B 186 9.02 10.59 15.60
CA VAL B 186 8.56 11.78 16.28
C VAL B 186 9.59 12.06 17.35
N VAL B 187 10.02 13.31 17.44
CA VAL B 187 11.07 13.68 18.36
C VAL B 187 10.67 14.86 19.23
N GLU B 188 11.39 14.98 20.33
CA GLU B 188 11.18 16.08 21.24
C GLU B 188 11.27 17.43 20.57
N ALA B 189 10.39 18.33 21.02
CA ALA B 189 10.35 19.70 20.57
C ALA B 189 11.75 20.29 20.48
N GLY B 190 12.04 20.83 19.30
CA GLY B 190 13.30 21.52 19.00
C GLY B 190 14.48 20.68 18.52
N SER B 191 14.33 19.35 18.51
CA SER B 191 15.46 18.45 18.20
C SER B 191 15.40 17.85 16.78
N VAL B 192 14.52 18.38 15.93
CA VAL B 192 14.25 17.71 14.65
C VAL B 192 15.45 17.69 13.70
N LEU B 193 16.25 18.75 13.66
CA LEU B 193 17.42 18.74 12.78
C LEU B 193 18.46 17.73 13.24
N ASP B 194 18.79 17.73 14.53
CA ASP B 194 19.75 16.75 15.06
C ASP B 194 19.29 15.31 14.82
N ALA B 195 18.00 15.05 15.03
CA ALA B 195 17.43 13.73 14.80
C ALA B 195 17.54 13.33 13.34
N ALA B 196 17.27 14.29 12.44
CA ALA B 196 17.37 14.01 11.01
C ALA B 196 18.82 13.75 10.57
N LEU B 197 19.77 14.50 11.11
CA LEU B 197 21.18 14.25 10.80
C LEU B 197 21.62 12.87 11.31
N ALA B 198 21.07 12.43 12.45
CA ALA B 198 21.39 11.10 12.96
C ALA B 198 20.84 10.00 12.02
N LEU B 199 19.61 10.20 11.54
CA LEU B 199 19.04 9.28 10.56
C LEU B 199 19.86 9.29 9.27
N ALA B 200 20.25 10.49 8.81
CA ALA B 200 21.11 10.58 7.63
C ALA B 200 22.38 9.75 7.81
N SER B 201 22.95 9.83 9.02
CA SER B 201 24.18 9.09 9.34
C SER B 201 23.98 7.58 9.24
N ALA B 202 22.77 7.08 9.52
CA ALA B 202 22.45 5.65 9.40
C ALA B 202 22.42 5.16 7.96
N ILE B 203 22.33 6.09 7.01
CA ILE B 203 22.33 5.81 5.57
C ILE B 203 23.69 6.07 4.95
N THR B 204 24.34 7.19 5.32
CA THR B 204 25.57 7.61 4.64
C THR B 204 26.77 6.72 4.98
N VAL B 205 26.67 5.93 6.04
CA VAL B 205 27.71 4.94 6.32
C VAL B 205 27.67 3.79 5.32
N ASN B 206 26.57 3.67 4.58
CA ASN B 206 26.38 2.57 3.63
C ASN B 206 26.99 2.88 2.26
N ALA B 207 27.11 1.85 1.43
CA ALA B 207 27.75 1.97 0.13
C ALA B 207 26.94 2.89 -0.77
N PRO B 208 27.55 3.99 -1.26
CA PRO B 208 26.79 4.99 -2.04
C PRO B 208 26.12 4.42 -3.29
N LEU B 209 26.84 3.62 -4.05
CA LEU B 209 26.23 3.09 -5.26
C LEU B 209 25.05 2.15 -4.98
N SER B 210 25.11 1.45 -3.85
CA SER B 210 24.02 0.58 -3.42
C SER B 210 22.79 1.38 -3.02
N VAL B 211 23.01 2.47 -2.28
CA VAL B 211 21.89 3.33 -1.81
C VAL B 211 21.19 3.97 -3.03
N GLN B 212 22.01 4.48 -3.93
CA GLN B 212 21.55 5.15 -5.16
C GLN B 212 20.78 4.19 -6.05
N ALA B 213 21.34 3.00 -6.25
CA ALA B 213 20.67 1.99 -7.06
C ALA B 213 19.36 1.54 -6.42
N SER B 214 19.37 1.38 -5.09
CA SER B 214 18.18 0.96 -4.36
C SER B 214 17.07 1.99 -4.51
N LYS B 215 17.41 3.27 -4.44
CA LYS B 215 16.42 4.32 -4.68
C LYS B 215 15.84 4.28 -6.07
N ARG B 216 16.68 4.14 -7.09
CA ARG B 216 16.17 4.14 -8.46
C ARG B 216 15.21 2.99 -8.65
N ILE B 217 15.53 1.81 -8.12
CA ILE B 217 14.65 0.66 -8.33
C ILE B 217 13.35 0.81 -7.54
N ALA B 218 13.44 1.24 -6.28
CA ALA B 218 12.27 1.34 -5.39
C ALA B 218 11.24 2.32 -5.90
N TYR B 219 11.70 3.37 -6.58
CA TYR B 219 10.77 4.35 -7.14
C TYR B 219 10.48 4.13 -8.64
N GLY B 220 11.02 3.08 -9.24
CA GLY B 220 10.73 2.83 -10.66
C GLY B 220 11.22 3.93 -11.58
N VAL B 221 12.50 4.27 -11.45
CA VAL B 221 13.07 5.39 -12.18
C VAL B 221 13.77 4.93 -13.43
N ASP B 222 13.32 5.49 -14.55
CA ASP B 222 13.99 5.39 -15.83
C ASP B 222 14.42 6.80 -16.24
N ASP B 223 15.71 6.95 -16.54
CA ASP B 223 16.27 8.24 -16.98
CA ASP B 223 16.26 8.23 -16.98
C ASP B 223 15.86 9.42 -16.11
N GLY B 224 16.00 9.29 -14.80
CA GLY B 224 15.70 10.40 -13.89
C GLY B 224 14.23 10.70 -13.64
N VAL B 225 13.33 9.90 -14.17
CA VAL B 225 11.89 10.10 -14.00
C VAL B 225 11.24 8.95 -13.23
N VAL B 226 10.41 9.28 -12.24
CA VAL B 226 9.59 8.30 -11.54
C VAL B 226 8.41 7.99 -12.47
N VAL B 227 8.54 6.88 -13.19
CA VAL B 227 7.62 6.52 -14.27
C VAL B 227 6.18 6.40 -13.83
N GLY B 228 6.00 5.76 -12.68
CA GLY B 228 4.66 5.47 -12.17
C GLY B 228 3.86 6.70 -11.76
N ASP B 229 4.54 7.83 -11.52
CA ASP B 229 3.84 9.06 -11.15
C ASP B 229 3.27 9.85 -12.31
N GLU B 230 3.67 9.52 -13.53
CA GLU B 230 3.31 10.34 -14.69
C GLU B 230 1.79 10.45 -14.91
N PRO B 231 1.05 9.34 -14.77
CA PRO B 231 -0.39 9.46 -14.91
C PRO B 231 -1.02 10.33 -13.83
N GLY B 232 -0.51 10.22 -12.61
CA GLY B 232 -0.96 11.08 -11.51
C GLY B 232 -0.73 12.55 -11.79
N TRP B 233 0.47 12.89 -12.26
CA TRP B 233 0.77 14.28 -12.62
C TRP B 233 -0.14 14.76 -13.73
N ASP B 234 -0.29 13.94 -14.76
CA ASP B 234 -1.14 14.27 -15.90
C ASP B 234 -2.59 14.53 -15.47
N ARG B 235 -3.14 13.65 -14.62
CA ARG B 235 -4.53 13.81 -14.10
C ARG B 235 -4.66 15.03 -13.22
N THR B 236 -3.65 15.28 -12.39
CA THR B 236 -3.65 16.47 -11.53
C THR B 236 -3.66 17.76 -12.35
N MET B 237 -2.79 17.82 -13.36
CA MET B 237 -2.69 19.00 -14.23
C MET B 237 -4.02 19.25 -14.96
N ARG B 238 -4.61 18.18 -15.48
CA ARG B 238 -5.93 18.25 -16.16
C ARG B 238 -7.01 18.83 -15.26
N GLU B 239 -7.06 18.36 -14.02
CA GLU B 239 -8.11 18.78 -13.08
C GLU B 239 -7.86 20.22 -12.62
N MET B 240 -6.59 20.58 -12.39
CA MET B 240 -6.26 21.92 -11.90
C MET B 240 -6.61 23.00 -12.90
N ARG B 241 -6.35 22.71 -14.16
CA ARG B 241 -6.69 23.62 -15.24
C ARG B 241 -8.17 24.00 -15.18
N ALA B 242 -9.04 23.00 -15.01
CA ALA B 242 -10.48 23.25 -14.87
C ALA B 242 -10.81 23.99 -13.57
N LEU B 243 -10.24 23.54 -12.46
CA LEU B 243 -10.50 24.13 -11.14
C LEU B 243 -10.06 25.58 -11.00
N LEU B 244 -8.87 25.88 -11.52
CA LEU B 244 -8.36 27.24 -11.47
C LEU B 244 -9.25 28.19 -12.29
N LYS B 245 -10.12 27.64 -13.14
CA LYS B 245 -11.09 28.45 -13.92
C LYS B 245 -12.46 28.61 -13.26
N SER B 246 -12.62 28.05 -12.06
CA SER B 246 -13.93 27.95 -11.42
C SER B 246 -14.25 29.16 -10.54
N GLU B 247 -15.52 29.49 -10.48
CA GLU B 247 -16.02 30.50 -9.56
C GLU B 247 -15.70 30.12 -8.10
N ASP B 248 -15.81 28.84 -7.75
CA ASP B 248 -15.57 28.41 -6.36
C ASP B 248 -14.13 28.62 -5.88
N ALA B 249 -13.18 28.53 -6.80
CA ALA B 249 -11.76 28.76 -6.48
C ALA B 249 -11.54 30.23 -6.14
N LYS B 250 -12.42 31.09 -6.63
CA LYS B 250 -12.47 32.48 -6.19
C LYS B 250 -13.08 32.62 -4.79
N GLU B 251 -14.19 31.93 -4.55
CA GLU B 251 -14.94 32.10 -3.30
C GLU B 251 -14.16 31.66 -2.06
N GLY B 252 -13.41 30.57 -2.17
CA GLY B 252 -12.65 30.04 -1.04
C GLY B 252 -11.80 31.10 -0.35
N PRO B 253 -10.90 31.76 -1.10
CA PRO B 253 -10.10 32.86 -0.55
C PRO B 253 -10.91 34.09 -0.13
N ARG B 254 -11.89 34.47 -0.96
CA ARG B 254 -12.74 35.63 -0.65
C ARG B 254 -13.47 35.43 0.69
N ALA B 255 -14.00 34.23 0.91
CA ALA B 255 -14.72 33.91 2.15
C ALA B 255 -13.84 33.90 3.39
N PHE B 256 -12.65 33.33 3.26
CA PHE B 256 -11.73 33.21 4.38
C PHE B 256 -11.37 34.62 4.87
N ALA B 257 -11.03 35.48 3.92
CA ALA B 257 -10.70 36.87 4.19
C ALA B 257 -11.87 37.62 4.81
N GLU B 258 -13.08 37.35 4.31
CA GLU B 258 -14.26 38.05 4.79
C GLU B 258 -14.79 37.44 6.09
N LYS B 259 -14.09 36.42 6.60
CA LYS B 259 -14.45 35.76 7.85
C LYS B 259 -15.91 35.31 7.82
N ARG B 260 -16.28 34.69 6.71
CA ARG B 260 -17.60 34.09 6.54
C ARG B 260 -17.38 32.72 5.93
N GLU B 261 -18.34 31.83 6.13
CA GLU B 261 -18.30 30.53 5.50
C GLU B 261 -18.44 30.77 4.00
N PRO B 262 -17.72 29.99 3.17
CA PRO B 262 -17.89 30.15 1.74
C PRO B 262 -19.24 29.61 1.31
N VAL B 263 -19.75 30.12 0.20
CA VAL B 263 -20.98 29.62 -0.35
C VAL B 263 -20.62 29.02 -1.69
N TRP B 264 -20.51 27.70 -1.74
CA TRP B 264 -20.03 27.02 -2.94
C TRP B 264 -21.15 26.90 -3.97
N GLN B 265 -20.81 27.12 -5.24
CA GLN B 265 -21.76 26.99 -6.34
C GLN B 265 -21.59 25.72 -7.18
N ALA B 266 -20.41 25.09 -7.09
CA ALA B 266 -20.10 23.93 -7.93
C ALA B 266 -19.91 24.32 -9.40
N ARG B 267 -19.37 25.51 -9.60
CA ARG B 267 -18.96 25.99 -10.91
C ARG B 267 -17.80 26.95 -10.67
N ASP C 7 -42.01 -8.12 1.12
CA ASP C 7 -43.03 -7.39 0.29
C ASP C 7 -42.62 -5.95 0.05
N ALA C 8 -41.32 -5.70 -0.14
CA ALA C 8 -40.80 -4.34 -0.19
C ALA C 8 -39.69 -4.19 -1.24
N PRO C 9 -39.32 -2.94 -1.57
CA PRO C 9 -38.28 -2.72 -2.56
C PRO C 9 -36.94 -3.27 -2.07
N GLY C 10 -36.12 -3.78 -2.98
CA GLY C 10 -34.80 -4.33 -2.62
C GLY C 10 -33.85 -3.36 -1.92
N ALA C 11 -33.87 -2.09 -2.33
CA ALA C 11 -33.19 -1.05 -1.55
C ALA C 11 -33.97 0.26 -1.55
N LEU C 12 -33.78 1.03 -0.47
CA LEU C 12 -34.44 2.32 -0.32
C LEU C 12 -33.44 3.44 -0.57
N ALA C 13 -33.94 4.60 -1.00
CA ALA C 13 -33.11 5.79 -1.11
C ALA C 13 -33.87 6.92 -0.45
N GLU C 14 -33.22 7.59 0.50
CA GLU C 14 -33.81 8.76 1.09
C GLU C 14 -32.80 9.86 1.30
N ARG C 15 -33.29 11.08 1.42
CA ARG C 15 -32.44 12.23 1.75
C ARG C 15 -32.34 12.49 3.24
N ARG C 16 -31.12 12.78 3.69
CA ARG C 16 -30.90 13.38 4.99
C ARG C 16 -30.10 14.64 4.71
N GLY C 17 -30.80 15.76 4.54
CA GLY C 17 -30.15 17.00 4.15
C GLY C 17 -29.55 16.84 2.76
N ASN C 18 -28.25 17.10 2.64
CA ASN C 18 -27.58 16.97 1.36
C ASN C 18 -26.91 15.58 1.14
N VAL C 19 -27.27 14.63 2.00
CA VAL C 19 -26.80 13.24 1.89
C VAL C 19 -27.90 12.33 1.38
N MET C 20 -27.59 11.48 0.42
CA MET C 20 -28.49 10.38 0.08
C MET C 20 -28.06 9.13 0.82
N VAL C 21 -29.01 8.59 1.59
CA VAL C 21 -28.84 7.34 2.29
C VAL C 21 -29.55 6.25 1.51
N ILE C 22 -28.76 5.26 1.10
CA ILE C 22 -29.22 4.10 0.38
C ILE C 22 -29.19 2.93 1.35
N THR C 23 -30.34 2.32 1.58
CA THR C 23 -30.48 1.24 2.54
C THR C 23 -30.85 -0.05 1.82
N ILE C 24 -30.01 -1.06 1.98
CA ILE C 24 -30.33 -2.41 1.52
C ILE C 24 -31.50 -2.89 2.38
N ASN C 25 -32.55 -3.38 1.74
CA ASN C 25 -33.83 -3.58 2.42
C ASN C 25 -34.34 -5.04 2.36
N ARG C 26 -33.46 -5.99 2.64
CA ARG C 26 -33.82 -7.41 2.73
C ARG C 26 -33.34 -7.99 4.05
N PRO C 27 -33.79 -7.41 5.18
CA PRO C 27 -33.22 -7.86 6.46
C PRO C 27 -33.53 -9.34 6.80
N GLU C 28 -34.66 -9.86 6.31
CA GLU C 28 -34.99 -11.30 6.48
C GLU C 28 -34.01 -12.22 5.73
N ALA C 29 -33.34 -11.70 4.70
CA ALA C 29 -32.30 -12.45 3.99
C ALA C 29 -30.90 -11.96 4.36
N ARG C 30 -30.79 -11.31 5.52
CA ARG C 30 -29.54 -10.74 6.04
C ARG C 30 -28.92 -9.73 5.07
N ASN C 31 -29.82 -9.04 4.35
CA ASN C 31 -29.48 -8.01 3.38
C ASN C 31 -28.52 -8.47 2.28
N ALA C 32 -28.72 -9.72 1.88
CA ALA C 32 -27.94 -10.33 0.80
C ALA C 32 -28.34 -9.73 -0.53
N ILE C 33 -27.38 -9.70 -1.45
CA ILE C 33 -27.54 -9.02 -2.72
C ILE C 33 -28.16 -9.93 -3.79
N ASN C 34 -29.29 -9.48 -4.34
CA ASN C 34 -29.83 -10.06 -5.59
C ASN C 34 -30.08 -8.92 -6.60
N ALA C 35 -30.72 -9.25 -7.72
CA ALA C 35 -30.95 -8.27 -8.77
C ALA C 35 -31.82 -7.10 -8.29
N ALA C 36 -32.82 -7.39 -7.47
CA ALA C 36 -33.70 -6.35 -6.91
C ALA C 36 -32.91 -5.28 -6.11
N VAL C 37 -31.98 -5.73 -5.29
CA VAL C 37 -31.09 -4.81 -4.55
C VAL C 37 -30.21 -4.03 -5.52
N SER C 38 -29.59 -4.74 -6.47
CA SER C 38 -28.69 -4.10 -7.43
C SER C 38 -29.37 -3.01 -8.23
N ILE C 39 -30.64 -3.21 -8.57
CA ILE C 39 -31.39 -2.22 -9.34
C ILE C 39 -31.59 -0.97 -8.51
N GLY C 40 -32.01 -1.17 -7.26
CA GLY C 40 -32.29 -0.07 -6.34
C GLY C 40 -31.05 0.74 -5.99
N VAL C 41 -29.96 0.03 -5.68
CA VAL C 41 -28.71 0.69 -5.29
C VAL C 41 -28.12 1.40 -6.48
N GLY C 42 -28.03 0.67 -7.59
CA GLY C 42 -27.48 1.23 -8.80
C GLY C 42 -28.23 2.47 -9.22
N ASP C 43 -29.56 2.39 -9.29
CA ASP C 43 -30.35 3.56 -9.71
C ASP C 43 -30.17 4.76 -8.76
N ALA C 44 -30.16 4.49 -7.46
CA ALA C 44 -29.97 5.56 -6.47
C ALA C 44 -28.58 6.21 -6.60
N LEU C 45 -27.54 5.41 -6.85
CA LEU C 45 -26.21 5.97 -7.09
C LEU C 45 -26.16 6.87 -8.32
N GLU C 46 -26.81 6.44 -9.39
CA GLU C 46 -26.73 7.20 -10.63
C GLU C 46 -27.53 8.50 -10.47
N GLU C 47 -28.62 8.45 -9.72
CA GLU C 47 -29.40 9.64 -9.39
C GLU C 47 -28.59 10.59 -8.52
N ALA C 48 -27.86 10.04 -7.55
CA ALA C 48 -26.98 10.82 -6.66
C ALA C 48 -25.94 11.58 -7.47
N GLN C 49 -25.35 10.90 -8.45
CA GLN C 49 -24.29 11.48 -9.28
C GLN C 49 -24.71 12.77 -9.99
N HIS C 50 -25.96 12.81 -10.46
CA HIS C 50 -26.42 13.93 -11.27
C HIS C 50 -27.33 14.92 -10.53
N ASP C 51 -27.58 14.66 -9.25
CA ASP C 51 -28.42 15.54 -8.42
C ASP C 51 -27.54 16.51 -7.65
N PRO C 52 -27.58 17.80 -8.04
CA PRO C 52 -26.73 18.83 -7.44
C PRO C 52 -27.02 19.07 -5.97
N GLU C 53 -28.21 18.71 -5.50
CA GLU C 53 -28.52 18.82 -4.09
C GLU C 53 -27.84 17.75 -3.23
N VAL C 54 -27.34 16.69 -3.88
CA VAL C 54 -26.68 15.61 -3.17
C VAL C 54 -25.18 15.80 -3.20
N ARG C 55 -24.58 15.94 -2.02
CA ARG C 55 -23.14 16.09 -1.92
C ARG C 55 -22.42 14.86 -1.39
N ALA C 56 -23.15 13.86 -0.91
CA ALA C 56 -22.52 12.64 -0.43
C ALA C 56 -23.53 11.52 -0.42
N VAL C 57 -23.02 10.30 -0.38
CA VAL C 57 -23.84 9.09 -0.37
C VAL C 57 -23.43 8.22 0.81
N VAL C 58 -24.43 7.77 1.57
CA VAL C 58 -24.21 6.76 2.61
C VAL C 58 -24.95 5.49 2.23
N LEU C 59 -24.26 4.37 2.35
CA LEU C 59 -24.80 3.03 2.09
C LEU C 59 -24.86 2.26 3.41
N THR C 60 -26.02 1.67 3.69
CA THR C 60 -26.24 0.96 4.95
C THR C 60 -27.26 -0.15 4.73
N GLY C 61 -27.39 -1.04 5.72
CA GLY C 61 -28.38 -2.12 5.69
C GLY C 61 -29.53 -1.88 6.65
N ALA C 62 -30.71 -2.37 6.27
CA ALA C 62 -31.89 -2.30 7.11
C ALA C 62 -31.73 -3.16 8.35
N GLY C 63 -32.06 -2.56 9.49
CA GLY C 63 -32.14 -3.30 10.74
C GLY C 63 -30.86 -3.30 11.53
N ASP C 64 -30.89 -4.04 12.63
CA ASP C 64 -29.84 -3.99 13.64
C ASP C 64 -28.84 -5.15 13.58
N LYS C 65 -28.94 -6.00 12.55
CA LYS C 65 -28.21 -7.28 12.55
C LYS C 65 -27.18 -7.41 11.43
N SER C 66 -27.54 -6.92 10.24
CA SER C 66 -26.73 -7.16 9.05
CA SER C 66 -26.73 -7.18 9.04
C SER C 66 -26.61 -5.92 8.17
N PHE C 67 -25.39 -5.62 7.75
CA PHE C 67 -25.16 -4.64 6.71
C PHE C 67 -25.40 -5.35 5.38
N CYS C 68 -24.64 -6.43 5.18
CA CYS C 68 -24.77 -7.31 4.01
C CYS C 68 -24.04 -8.64 4.19
N ALA C 69 -24.79 -9.73 4.23
CA ALA C 69 -24.23 -11.07 4.42
C ALA C 69 -23.53 -11.62 3.16
N GLY C 70 -23.70 -10.93 2.04
CA GLY C 70 -23.01 -11.27 0.80
C GLY C 70 -23.95 -11.49 -0.37
N ALA C 71 -23.44 -12.17 -1.39
CA ALA C 71 -24.25 -12.58 -2.53
C ALA C 71 -25.37 -13.49 -2.03
N ASP C 72 -26.55 -13.36 -2.64
CA ASP C 72 -27.68 -14.20 -2.25
C ASP C 72 -27.42 -15.58 -2.83
N LEU C 73 -27.09 -16.53 -1.97
CA LEU C 73 -26.66 -17.85 -2.42
C LEU C 73 -27.85 -18.67 -2.96
N LYS C 74 -29.05 -18.36 -2.48
CA LYS C 74 -30.26 -18.98 -3.02
C LYS C 74 -30.44 -18.57 -4.48
N ALA C 75 -30.27 -17.28 -4.76
CA ALA C 75 -30.29 -16.77 -6.13
C ALA C 75 -29.10 -17.28 -6.93
N ILE C 76 -27.98 -17.51 -6.26
CA ILE C 76 -26.79 -18.11 -6.87
C ILE C 76 -27.01 -19.58 -7.22
N ALA C 77 -27.60 -20.33 -6.29
CA ALA C 77 -27.98 -21.72 -6.55
C ALA C 77 -28.92 -21.77 -7.75
N ARG C 78 -29.93 -20.89 -7.72
CA ARG C 78 -31.02 -20.91 -8.70
C ARG C 78 -30.74 -20.24 -10.07
N ARG C 79 -29.46 -20.01 -10.38
CA ARG C 79 -29.01 -19.51 -11.70
C ARG C 79 -29.36 -18.06 -12.03
N GLU C 80 -29.94 -17.32 -11.09
CA GLU C 80 -30.34 -15.92 -11.30
C GLU C 80 -29.14 -14.96 -11.17
N ASN C 81 -28.92 -14.15 -12.21
CA ASN C 81 -27.90 -13.10 -12.18
C ASN C 81 -28.17 -12.13 -11.03
N LEU C 82 -27.11 -11.56 -10.47
CA LEU C 82 -27.21 -10.71 -9.28
C LEU C 82 -27.10 -9.22 -9.54
N TYR C 83 -26.58 -8.86 -10.71
CA TYR C 83 -26.38 -7.45 -11.09
C TYR C 83 -27.65 -6.76 -11.61
N HIS C 84 -27.53 -5.45 -11.83
CA HIS C 84 -28.60 -4.65 -12.43
C HIS C 84 -28.79 -5.09 -13.89
N PRO C 85 -29.98 -5.59 -14.26
CA PRO C 85 -30.07 -6.21 -15.59
C PRO C 85 -29.75 -5.26 -16.76
N ASP C 86 -30.01 -3.97 -16.58
CA ASP C 86 -29.73 -2.95 -17.60
C ASP C 86 -28.34 -2.34 -17.50
N HIS C 87 -27.61 -2.69 -16.44
CA HIS C 87 -26.28 -2.12 -16.19
C HIS C 87 -25.33 -3.17 -15.63
N PRO C 88 -25.02 -4.19 -16.44
CA PRO C 88 -24.05 -5.20 -16.01
C PRO C 88 -22.70 -4.58 -15.65
N GLU C 89 -22.35 -3.47 -16.31
CA GLU C 89 -21.05 -2.83 -16.10
C GLU C 89 -20.89 -2.18 -14.70
N TRP C 90 -21.99 -2.02 -13.96
CA TRP C 90 -21.90 -1.49 -12.59
C TRP C 90 -21.49 -2.56 -11.61
N GLY C 91 -21.61 -3.82 -12.03
CA GLY C 91 -21.16 -4.93 -11.22
C GLY C 91 -22.10 -5.25 -10.08
N PHE C 92 -21.56 -6.03 -9.15
CA PHE C 92 -22.27 -6.52 -7.97
C PHE C 92 -22.95 -5.40 -7.19
N ALA C 93 -24.21 -5.63 -6.89
CA ALA C 93 -25.05 -4.72 -6.13
C ALA C 93 -25.28 -3.37 -6.82
N GLY C 94 -25.00 -3.29 -8.12
CA GLY C 94 -25.04 -2.02 -8.84
C GLY C 94 -24.05 -1.00 -8.30
N TYR C 95 -23.04 -1.49 -7.57
CA TYR C 95 -22.23 -0.67 -6.67
C TYR C 95 -20.71 -0.82 -6.85
N VAL C 96 -20.21 -2.04 -7.01
CA VAL C 96 -18.75 -2.25 -6.88
C VAL C 96 -17.91 -1.80 -8.08
N ARG C 97 -18.56 -1.63 -9.23
CA ARG C 97 -17.90 -1.06 -10.41
C ARG C 97 -18.73 0.13 -10.93
N HIS C 98 -19.16 0.95 -9.99
CA HIS C 98 -20.04 2.07 -10.28
C HIS C 98 -19.43 3.31 -9.68
N PHE C 99 -18.37 3.81 -10.32
CA PHE C 99 -17.71 5.00 -9.82
C PHE C 99 -18.62 6.22 -9.91
N ILE C 100 -18.71 6.96 -8.82
CA ILE C 100 -19.30 8.31 -8.81
C ILE C 100 -18.33 9.33 -8.20
N ASP C 101 -18.39 10.57 -8.68
CA ASP C 101 -17.61 11.75 -8.24
CA ASP C 101 -17.42 11.54 -8.17
C ASP C 101 -17.79 12.13 -6.80
N LYS C 102 -18.94 11.76 -6.25
CA LYS C 102 -19.32 12.24 -4.93
C LYS C 102 -18.88 11.22 -3.89
N PRO C 103 -18.54 11.68 -2.68
CA PRO C 103 -18.05 10.73 -1.68
C PRO C 103 -19.11 9.69 -1.25
N THR C 104 -18.64 8.45 -1.07
CA THR C 104 -19.46 7.32 -0.62
C THR C 104 -18.94 6.77 0.72
N ILE C 105 -19.87 6.60 1.68
CA ILE C 105 -19.52 6.12 3.03
C ILE C 105 -20.35 4.88 3.29
N ALA C 106 -19.69 3.77 3.57
CA ALA C 106 -20.39 2.58 4.02
C ALA C 106 -20.61 2.71 5.53
N ALA C 107 -21.89 2.73 5.92
CA ALA C 107 -22.27 2.69 7.34
C ALA C 107 -22.63 1.26 7.70
N VAL C 108 -21.64 0.55 8.25
CA VAL C 108 -21.72 -0.89 8.45
C VAL C 108 -22.36 -1.16 9.81
N ASN C 109 -23.64 -1.52 9.76
CA ASN C 109 -24.47 -1.68 10.94
C ASN C 109 -24.46 -3.08 11.56
N GLY C 110 -23.77 -4.02 10.92
CA GLY C 110 -23.71 -5.39 11.42
C GLY C 110 -22.87 -6.24 10.49
N THR C 111 -23.28 -7.48 10.25
CA THR C 111 -22.50 -8.41 9.43
C THR C 111 -22.19 -7.86 8.06
N ALA C 112 -20.92 -7.96 7.67
CA ALA C 112 -20.46 -7.47 6.38
C ALA C 112 -19.49 -8.49 5.81
N LEU C 113 -20.04 -9.61 5.35
CA LEU C 113 -19.22 -10.72 4.90
C LEU C 113 -19.34 -10.95 3.41
N GLY C 114 -18.20 -11.32 2.82
CA GLY C 114 -18.09 -11.57 1.39
C GLY C 114 -18.49 -10.34 0.63
N GLY C 115 -19.58 -10.44 -0.12
CA GLY C 115 -20.15 -9.31 -0.82
C GLY C 115 -20.25 -8.05 0.03
N GLY C 116 -20.59 -8.23 1.31
CA GLY C 116 -20.67 -7.10 2.24
C GLY C 116 -19.36 -6.38 2.46
N THR C 117 -18.29 -7.14 2.60
CA THR C 117 -16.96 -6.56 2.74
C THR C 117 -16.56 -5.93 1.41
N GLU C 118 -16.99 -6.54 0.31
CA GLU C 118 -16.70 -6.00 -1.01
C GLU C 118 -17.40 -4.65 -1.25
N LEU C 119 -18.59 -4.45 -0.65
CA LEU C 119 -19.23 -3.13 -0.69
C LEU C 119 -18.41 -2.09 0.09
N ALA C 120 -17.87 -2.48 1.24
CA ALA C 120 -16.98 -1.61 2.03
C ALA C 120 -15.74 -1.23 1.22
N LEU C 121 -15.10 -2.23 0.63
CA LEU C 121 -13.93 -2.04 -0.24
C LEU C 121 -14.21 -1.04 -1.37
N ALA C 122 -15.41 -1.12 -1.93
CA ALA C 122 -15.84 -0.25 -3.04
C ALA C 122 -16.19 1.18 -2.61
N SER C 123 -16.45 1.35 -1.31
CA SER C 123 -16.79 2.66 -0.74
C SER C 123 -15.53 3.49 -0.47
N ASP C 124 -15.66 4.81 -0.43
CA ASP C 124 -14.50 5.66 -0.13
C ASP C 124 -14.06 5.55 1.33
N LEU C 125 -15.07 5.51 2.20
CA LEU C 125 -14.91 5.55 3.62
C LEU C 125 -15.86 4.56 4.26
N VAL C 126 -15.49 4.09 5.44
CA VAL C 126 -16.26 3.09 6.17
C VAL C 126 -16.30 3.42 7.65
N VAL C 127 -17.50 3.49 8.20
CA VAL C 127 -17.72 3.64 9.62
CA VAL C 127 -17.70 3.63 9.63
C VAL C 127 -18.51 2.40 10.05
N ALA C 128 -18.15 1.81 11.18
CA ALA C 128 -18.71 0.52 11.56
C ALA C 128 -19.19 0.46 13.00
N ASP C 129 -20.30 -0.26 13.19
CA ASP C 129 -20.82 -0.62 14.50
C ASP C 129 -19.78 -1.56 15.12
N GLU C 130 -19.51 -1.39 16.42
CA GLU C 130 -18.56 -2.26 17.14
C GLU C 130 -18.83 -3.77 16.97
N ARG C 131 -20.07 -4.14 16.66
CA ARG C 131 -20.42 -5.54 16.52
C ARG C 131 -20.15 -6.10 15.10
N ALA C 132 -19.82 -5.21 14.15
CA ALA C 132 -19.62 -5.58 12.75
C ALA C 132 -18.45 -6.55 12.56
N GLN C 133 -18.60 -7.51 11.64
CA GLN C 133 -17.54 -8.41 11.21
C GLN C 133 -17.35 -8.23 9.72
N PHE C 134 -16.09 -8.25 9.31
CA PHE C 134 -15.71 -8.23 7.90
C PHE C 134 -15.08 -9.59 7.55
N GLY C 135 -14.92 -9.86 6.26
CA GLY C 135 -14.29 -11.09 5.81
C GLY C 135 -14.66 -11.48 4.40
N LEU C 136 -13.93 -12.46 3.88
CA LEU C 136 -14.11 -12.94 2.51
C LEU C 136 -14.17 -14.47 2.55
N PRO C 137 -15.28 -15.02 3.04
CA PRO C 137 -15.39 -16.48 3.19
C PRO C 137 -15.71 -17.27 1.90
N GLU C 138 -15.67 -16.61 0.74
CA GLU C 138 -16.00 -17.26 -0.53
C GLU C 138 -15.22 -18.56 -0.76
N VAL C 139 -13.97 -18.61 -0.31
CA VAL C 139 -13.12 -19.79 -0.49
C VAL C 139 -13.64 -21.04 0.21
N LYS C 140 -14.38 -20.85 1.29
CA LYS C 140 -15.01 -21.95 2.02
C LYS C 140 -16.20 -22.57 1.27
N ARG C 141 -16.79 -21.81 0.35
CA ARG C 141 -18.03 -22.20 -0.32
C ARG C 141 -17.78 -22.59 -1.78
N GLY C 142 -16.51 -22.72 -2.16
CA GLY C 142 -16.16 -23.16 -3.49
C GLY C 142 -16.26 -22.08 -4.55
N LEU C 143 -16.33 -20.82 -4.09
CA LEU C 143 -16.44 -19.66 -4.97
C LEU C 143 -15.25 -18.73 -4.71
N ILE C 144 -15.29 -17.52 -5.27
CA ILE C 144 -14.29 -16.50 -4.96
C ILE C 144 -14.96 -15.15 -4.74
N ALA C 145 -14.20 -14.20 -4.22
CA ALA C 145 -14.72 -12.84 -4.05
C ALA C 145 -14.69 -12.11 -5.40
N ALA C 146 -15.72 -12.35 -6.20
CA ALA C 146 -15.74 -11.90 -7.59
C ALA C 146 -16.20 -10.45 -7.76
N ALA C 147 -16.69 -9.86 -6.66
CA ALA C 147 -17.14 -8.47 -6.60
C ALA C 147 -16.03 -7.49 -6.18
N GLY C 148 -14.81 -7.77 -6.64
CA GLY C 148 -13.66 -6.90 -6.40
C GLY C 148 -12.76 -7.32 -5.25
N GLY C 149 -13.26 -8.16 -4.35
CA GLY C 149 -12.54 -8.52 -3.14
C GLY C 149 -11.16 -9.10 -3.36
N VAL C 150 -11.05 -10.02 -4.33
CA VAL C 150 -9.79 -10.72 -4.58
C VAL C 150 -8.64 -9.78 -4.94
N PHE C 151 -8.90 -8.72 -5.72
CA PHE C 151 -7.82 -7.77 -6.05
C PHE C 151 -7.78 -6.50 -5.24
N ARG C 152 -8.88 -6.15 -4.55
CA ARG C 152 -8.93 -4.93 -3.76
C ARG C 152 -8.46 -5.15 -2.33
N ILE C 153 -8.56 -6.38 -1.80
CA ILE C 153 -8.23 -6.57 -0.38
C ILE C 153 -6.76 -6.21 -0.10
N ALA C 154 -5.84 -6.63 -0.97
CA ALA C 154 -4.43 -6.30 -0.80
C ALA C 154 -4.07 -4.83 -1.11
N GLU C 155 -5.01 -4.12 -1.71
CA GLU C 155 -4.86 -2.69 -1.96
C GLU C 155 -5.19 -1.87 -0.73
N GLN C 156 -5.95 -2.46 0.21
CA GLN C 156 -6.49 -1.70 1.35
C GLN C 156 -6.05 -2.19 2.72
N LEU C 157 -5.38 -3.34 2.75
CA LEU C 157 -4.70 -3.87 3.92
C LEU C 157 -3.26 -4.20 3.54
N PRO C 158 -2.36 -4.34 4.54
CA PRO C 158 -1.01 -4.80 4.24
C PRO C 158 -1.09 -6.14 3.54
N ARG C 159 -0.17 -6.37 2.63
CA ARG C 159 -0.25 -7.51 1.74
CA ARG C 159 -0.22 -7.51 1.74
C ARG C 159 -0.41 -8.83 2.49
N LYS C 160 0.42 -9.09 3.49
CA LYS C 160 0.33 -10.34 4.23
C LYS C 160 -0.98 -10.51 4.97
N VAL C 161 -1.44 -9.44 5.62
CA VAL C 161 -2.71 -9.46 6.35
C VAL C 161 -3.87 -9.73 5.39
N ALA C 162 -3.82 -9.07 4.24
CA ALA C 162 -4.81 -9.28 3.19
C ALA C 162 -4.84 -10.72 2.70
N MET C 163 -3.66 -11.29 2.45
CA MET C 163 -3.57 -12.65 1.94
CA MET C 163 -3.59 -12.64 1.93
C MET C 163 -4.09 -13.65 2.96
N ARG C 164 -3.86 -13.38 4.25
CA ARG C 164 -4.37 -14.31 5.23
C ARG C 164 -5.89 -14.31 5.20
N LEU C 165 -6.49 -13.13 5.12
CA LEU C 165 -7.95 -13.02 5.06
C LEU C 165 -8.50 -13.72 3.82
N LEU C 166 -7.86 -13.48 2.69
CA LEU C 166 -8.28 -14.04 1.42
C LEU C 166 -8.20 -15.55 1.37
N LEU C 167 -7.10 -16.13 1.86
CA LEU C 167 -6.89 -17.57 1.71
C LEU C 167 -7.51 -18.42 2.84
N THR C 168 -7.61 -17.87 4.05
CA THR C 168 -8.24 -18.62 5.15
C THR C 168 -9.78 -18.49 5.12
N GLY C 169 -10.27 -17.37 4.59
CA GLY C 169 -11.71 -17.04 4.65
C GLY C 169 -12.24 -16.70 6.04
N GLU C 170 -11.33 -16.45 6.98
CA GLU C 170 -11.68 -16.18 8.37
C GLU C 170 -12.02 -14.70 8.55
N PRO C 171 -12.93 -14.40 9.48
CA PRO C 171 -13.33 -13.01 9.63
C PRO C 171 -12.37 -12.10 10.40
N LEU C 172 -12.62 -10.81 10.26
CA LEU C 172 -11.84 -9.74 10.84
C LEU C 172 -12.79 -8.91 11.66
N SER C 173 -12.46 -8.61 12.91
CA SER C 173 -13.34 -7.79 13.74
C SER C 173 -13.36 -6.33 13.26
N ALA C 174 -14.40 -5.58 13.65
CA ALA C 174 -14.46 -4.14 13.38
C ALA C 174 -13.24 -3.41 13.98
N ALA C 175 -12.90 -3.76 15.22
CA ALA C 175 -11.73 -3.16 15.88
C ALA C 175 -10.43 -3.44 15.13
N ALA C 176 -10.25 -4.68 14.68
CA ALA C 176 -9.06 -5.03 13.90
C ALA C 176 -9.00 -4.33 12.55
N ALA C 177 -10.12 -4.26 11.84
CA ALA C 177 -10.20 -3.50 10.57
C ALA C 177 -9.81 -2.02 10.78
N ARG C 178 -10.30 -1.45 11.88
CA ARG C 178 -9.98 -0.06 12.21
C ARG C 178 -8.49 0.10 12.53
N ASP C 179 -7.95 -0.80 13.34
CA ASP C 179 -6.52 -0.72 13.67
C ASP C 179 -5.58 -0.79 12.46
N TRP C 180 -5.98 -1.57 11.45
CA TRP C 180 -5.20 -1.74 10.20
C TRP C 180 -5.44 -0.58 9.24
N GLY C 181 -6.50 0.19 9.48
CA GLY C 181 -6.85 1.31 8.60
C GLY C 181 -7.68 0.92 7.39
N LEU C 182 -8.28 -0.26 7.44
CA LEU C 182 -9.25 -0.72 6.42
C LEU C 182 -10.57 0.03 6.51
N ILE C 183 -10.98 0.37 7.73
CA ILE C 183 -12.14 1.23 7.96
C ILE C 183 -11.70 2.43 8.81
N ASN C 184 -12.54 3.46 8.86
CA ASN C 184 -12.15 4.74 9.43
C ASN C 184 -12.46 4.90 10.91
N GLU C 185 -13.55 4.30 11.36
CA GLU C 185 -14.03 4.48 12.74
C GLU C 185 -14.92 3.31 13.17
N VAL C 186 -14.83 3.01 14.47
CA VAL C 186 -15.76 2.08 15.12
C VAL C 186 -16.54 2.88 16.16
N VAL C 187 -17.85 2.65 16.17
CA VAL C 187 -18.75 3.40 17.06
C VAL C 187 -19.63 2.45 17.85
N GLU C 188 -20.29 3.01 18.85
CA GLU C 188 -21.09 2.18 19.75
C GLU C 188 -22.32 1.64 19.02
N ALA C 189 -22.71 0.44 19.43
CA ALA C 189 -23.87 -0.26 18.89
C ALA C 189 -25.05 0.68 18.65
N GLY C 190 -25.58 0.62 17.43
CA GLY C 190 -26.79 1.36 17.08
C GLY C 190 -26.61 2.75 16.52
N SER C 191 -25.40 3.31 16.59
CA SER C 191 -25.22 4.72 16.21
C SER C 191 -24.46 4.92 14.86
N VAL C 192 -24.37 3.87 14.05
CA VAL C 192 -23.49 3.90 12.86
C VAL C 192 -23.97 4.88 11.79
N LEU C 193 -25.28 4.99 11.60
CA LEU C 193 -25.81 5.92 10.59
C LEU C 193 -25.54 7.37 10.98
N ASP C 194 -25.76 7.73 12.25
CA ASP C 194 -25.46 9.10 12.70
C ASP C 194 -23.96 9.42 12.61
N ALA C 195 -23.12 8.43 12.87
CA ALA C 195 -21.67 8.61 12.75
C ALA C 195 -21.26 8.82 11.27
N ALA C 196 -21.85 8.06 10.36
CA ALA C 196 -21.61 8.22 8.92
C ALA C 196 -22.05 9.60 8.44
N LEU C 197 -23.18 10.05 8.97
CA LEU C 197 -23.72 11.34 8.57
C LEU C 197 -22.81 12.48 9.07
N ALA C 198 -22.23 12.28 10.25
CA ALA C 198 -21.25 13.23 10.79
C ALA C 198 -19.99 13.27 9.93
N LEU C 199 -19.56 12.11 9.46
CA LEU C 199 -18.39 12.04 8.59
C LEU C 199 -18.72 12.71 7.25
N ALA C 200 -19.93 12.48 6.75
CA ALA C 200 -20.37 13.14 5.52
C ALA C 200 -20.29 14.67 5.67
N SER C 201 -20.75 15.19 6.80
CA SER C 201 -20.72 16.64 7.01
C SER C 201 -19.29 17.23 7.07
N ALA C 202 -18.30 16.44 7.47
CA ALA C 202 -16.90 16.89 7.47
C ALA C 202 -16.35 17.01 6.05
N ILE C 203 -17.03 16.41 5.07
CA ILE C 203 -16.60 16.47 3.67
C ILE C 203 -17.43 17.50 2.91
N THR C 204 -18.74 17.50 3.15
CA THR C 204 -19.67 18.30 2.35
C THR C 204 -19.56 19.79 2.58
N VAL C 205 -18.91 20.20 3.67
CA VAL C 205 -18.60 21.61 3.89
C VAL C 205 -17.50 22.13 2.95
N ASN C 206 -16.75 21.20 2.36
CA ASN C 206 -15.67 21.55 1.45
C ASN C 206 -16.15 21.85 0.01
N ALA C 207 -15.24 22.39 -0.81
CA ALA C 207 -15.59 22.80 -2.18
C ALA C 207 -15.95 21.57 -3.03
N PRO C 208 -17.19 21.52 -3.59
CA PRO C 208 -17.57 20.30 -4.30
C PRO C 208 -16.68 19.87 -5.45
N LEU C 209 -16.21 20.82 -6.25
CA LEU C 209 -15.41 20.50 -7.43
C LEU C 209 -14.02 20.02 -6.95
N SER C 210 -13.56 20.55 -5.81
CA SER C 210 -12.29 20.10 -5.21
C SER C 210 -12.39 18.64 -4.78
N VAL C 211 -13.50 18.32 -4.12
CA VAL C 211 -13.72 16.96 -3.60
C VAL C 211 -13.84 15.98 -4.74
N GLN C 212 -14.62 16.39 -5.73
CA GLN C 212 -14.87 15.60 -6.91
C GLN C 212 -13.58 15.36 -7.71
N ALA C 213 -12.79 16.40 -7.92
CA ALA C 213 -11.51 16.21 -8.63
C ALA C 213 -10.53 15.33 -7.86
N SER C 214 -10.49 15.51 -6.53
CA SER C 214 -9.55 14.74 -5.70
C SER C 214 -9.87 13.27 -5.80
N LYS C 215 -11.15 12.95 -5.78
CA LYS C 215 -11.56 11.59 -5.92
C LYS C 215 -11.15 11.01 -7.27
N ARG C 216 -11.39 11.73 -8.36
CA ARG C 216 -10.99 11.22 -9.68
CA ARG C 216 -11.00 11.21 -9.67
C ARG C 216 -9.50 10.99 -9.78
N ILE C 217 -8.70 11.89 -9.23
CA ILE C 217 -7.26 11.73 -9.33
C ILE C 217 -6.79 10.56 -8.48
N ALA C 218 -7.35 10.47 -7.27
CA ALA C 218 -6.90 9.46 -6.30
C ALA C 218 -7.21 8.05 -6.76
N TYR C 219 -8.31 7.87 -7.48
CA TYR C 219 -8.62 6.54 -8.05
C TYR C 219 -8.16 6.31 -9.49
N GLY C 220 -7.62 7.35 -10.14
CA GLY C 220 -7.08 7.19 -11.49
C GLY C 220 -8.19 7.00 -12.51
N VAL C 221 -9.15 7.91 -12.47
CA VAL C 221 -10.32 7.87 -13.32
C VAL C 221 -10.16 8.73 -14.57
N ASP C 222 -10.38 8.10 -15.72
CA ASP C 222 -10.36 8.76 -17.02
C ASP C 222 -11.63 8.35 -17.75
N ASP C 223 -12.46 9.30 -18.17
CA ASP C 223 -13.67 8.92 -18.90
C ASP C 223 -14.58 8.04 -18.04
N GLY C 224 -14.65 8.39 -16.76
CA GLY C 224 -15.62 7.85 -15.82
C GLY C 224 -15.30 6.46 -15.29
N VAL C 225 -14.14 5.93 -15.67
CA VAL C 225 -13.76 4.56 -15.34
C VAL C 225 -12.43 4.51 -14.61
N VAL C 226 -12.37 3.63 -13.62
CA VAL C 226 -11.16 3.37 -12.87
C VAL C 226 -10.33 2.42 -13.73
N VAL C 227 -9.47 3.00 -14.56
CA VAL C 227 -8.74 2.22 -15.55
C VAL C 227 -7.80 1.19 -14.92
N GLY C 228 -7.22 1.51 -13.76
CA GLY C 228 -6.29 0.60 -13.09
C GLY C 228 -6.91 -0.70 -12.58
N ASP C 229 -8.24 -0.69 -12.44
CA ASP C 229 -9.00 -1.87 -12.01
C ASP C 229 -9.32 -2.84 -13.14
N GLU C 230 -9.16 -2.43 -14.39
CA GLU C 230 -9.59 -3.28 -15.53
C GLU C 230 -8.90 -4.67 -15.56
N PRO C 231 -7.58 -4.76 -15.35
CA PRO C 231 -6.97 -6.09 -15.32
C PRO C 231 -7.53 -7.00 -14.22
N GLY C 232 -7.74 -6.46 -13.02
CA GLY C 232 -8.34 -7.22 -11.92
C GLY C 232 -9.72 -7.76 -12.26
N TRP C 233 -10.56 -6.91 -12.86
CA TRP C 233 -11.91 -7.34 -13.25
C TRP C 233 -11.85 -8.41 -14.34
N ASP C 234 -10.96 -8.21 -15.31
CA ASP C 234 -10.81 -9.14 -16.41
C ASP C 234 -10.34 -10.51 -15.91
N ARG C 235 -9.37 -10.51 -15.00
CA ARG C 235 -8.85 -11.77 -14.43
C ARG C 235 -9.91 -12.43 -13.56
N THR C 236 -10.65 -11.63 -12.80
CA THR C 236 -11.70 -12.15 -11.94
C THR C 236 -12.77 -12.84 -12.79
N MET C 237 -13.20 -12.15 -13.84
CA MET C 237 -14.24 -12.65 -14.76
C MET C 237 -13.81 -13.98 -15.40
N ARG C 238 -12.57 -14.07 -15.85
CA ARG C 238 -12.09 -15.32 -16.48
CA ARG C 238 -12.09 -15.31 -16.47
C ARG C 238 -12.00 -16.46 -15.48
N GLU C 239 -11.53 -16.19 -14.26
CA GLU C 239 -11.45 -17.24 -13.24
C GLU C 239 -12.86 -17.67 -12.82
N MET C 240 -13.73 -16.69 -12.60
CA MET C 240 -15.08 -16.96 -12.12
C MET C 240 -15.87 -17.78 -13.13
N ARG C 241 -15.71 -17.45 -14.41
CA ARG C 241 -16.42 -18.17 -15.44
C ARG C 241 -16.01 -19.64 -15.41
N ALA C 242 -14.71 -19.87 -15.33
CA ALA C 242 -14.15 -21.21 -15.24
C ALA C 242 -14.55 -21.93 -13.96
N LEU C 243 -14.52 -21.21 -12.84
CA LEU C 243 -14.86 -21.82 -11.54
C LEU C 243 -16.32 -22.30 -11.46
N LEU C 244 -17.26 -21.52 -11.99
CA LEU C 244 -18.71 -21.85 -11.93
C LEU C 244 -19.07 -23.15 -12.67
N LYS C 245 -18.16 -23.65 -13.51
CA LYS C 245 -18.35 -24.93 -14.19
C LYS C 245 -17.81 -26.11 -13.39
N SER C 246 -17.05 -25.83 -12.33
CA SER C 246 -16.47 -26.89 -11.50
C SER C 246 -17.53 -27.57 -10.64
N GLU C 247 -17.31 -28.85 -10.34
CA GLU C 247 -18.16 -29.58 -9.40
C GLU C 247 -18.09 -29.00 -7.98
N ASP C 248 -16.91 -28.51 -7.58
CA ASP C 248 -16.70 -27.94 -6.23
C ASP C 248 -17.57 -26.70 -6.00
N ALA C 249 -17.82 -25.94 -7.07
CA ALA C 249 -18.63 -24.73 -6.99
C ALA C 249 -20.12 -25.02 -6.74
N LYS C 250 -20.52 -26.26 -7.05
CA LYS C 250 -21.86 -26.77 -6.72
C LYS C 250 -21.87 -27.36 -5.30
N GLU C 251 -20.91 -28.24 -5.06
CA GLU C 251 -20.71 -28.91 -3.76
C GLU C 251 -20.65 -27.94 -2.58
N GLY C 252 -19.99 -26.80 -2.77
CA GLY C 252 -19.78 -25.85 -1.69
C GLY C 252 -21.02 -25.18 -1.13
N PRO C 253 -21.83 -24.54 -1.98
CA PRO C 253 -23.09 -23.91 -1.62
C PRO C 253 -24.12 -24.87 -1.04
N ARG C 254 -24.22 -26.04 -1.64
CA ARG C 254 -25.19 -27.02 -1.19
C ARG C 254 -24.84 -27.48 0.23
N ALA C 255 -23.56 -27.72 0.50
CA ALA C 255 -23.09 -28.15 1.82
C ALA C 255 -23.18 -27.02 2.86
N GLU C 258 -25.89 -29.19 3.27
CA GLU C 258 -26.79 -29.44 4.38
C GLU C 258 -25.99 -29.42 5.69
N LYS C 259 -25.45 -28.26 6.03
CA LYS C 259 -24.67 -28.06 7.26
C LYS C 259 -23.69 -29.20 7.55
N ARG C 260 -22.91 -29.57 6.54
CA ARG C 260 -21.88 -30.59 6.67
C ARG C 260 -20.61 -30.06 6.02
N GLU C 261 -19.48 -30.70 6.32
CA GLU C 261 -18.23 -30.36 5.64
C GLU C 261 -18.36 -30.68 4.15
N PRO C 262 -17.79 -29.83 3.28
CA PRO C 262 -17.67 -30.17 1.87
C PRO C 262 -16.56 -31.18 1.58
N VAL C 263 -16.70 -31.92 0.48
CA VAL C 263 -15.65 -32.80 0.00
C VAL C 263 -15.18 -32.31 -1.37
N TRP C 264 -13.97 -31.74 -1.39
CA TRP C 264 -13.47 -31.09 -2.60
C TRP C 264 -12.81 -32.11 -3.54
N GLN C 265 -13.22 -32.08 -4.81
CA GLN C 265 -12.68 -32.98 -5.86
C GLN C 265 -11.59 -32.32 -6.74
N ALA C 266 -11.38 -31.02 -6.53
CA ALA C 266 -10.49 -30.19 -7.37
C ALA C 266 -10.88 -30.27 -8.86
N ARG C 267 -12.19 -30.33 -9.09
CA ARG C 267 -12.77 -30.55 -10.43
C ARG C 267 -14.09 -29.81 -10.56
#